data_9JWK
#
_entry.id   9JWK
#
_cell.length_a   1.00
_cell.length_b   1.00
_cell.length_c   1.00
_cell.angle_alpha   90.00
_cell.angle_beta   90.00
_cell.angle_gamma   90.00
#
_symmetry.space_group_name_H-M   'P 1'
#
loop_
_entity.id
_entity.type
_entity.pdbx_description
1 polymer 'CRISPR-associated endonuclease Cas9'
2 polymer sgRNA
3 polymer 'DNA (26-mer)'
4 water water
#
loop_
_entity_poly.entity_id
_entity_poly.type
_entity_poly.pdbx_seq_one_letter_code
_entity_poly.pdbx_strand_id
1 'polypeptide(L)'
;MCTKESEKLNKNADYYIGLDMGTSSAGWAVSDSEYNLIRRKGKDLWGVRQFEEAKTAAERRGFRVARRRKQRQQVRNRLL
SEEFQNEITKIDSGFLKRMEDSRFVISDKRVPEKYTLFNDSGYTDVEYYNQYPTIYHLRKALIESNERFDIRLVFLGIHS
LFQHPGHFLDKGDVDTDNTGPEELIQFLEDCMNEIQISIPLVSNQKVLTDILTDSRITRRDKEQQILEILQPNKESKKAV
SQFVKVLTGQKAKLGDLIMMEDKDTEEYKYSFSFREKTLEEILPDIEGVIDGLALEYIESIYSLYSWSLLNSYMKDTLTG
HYYSYLAEARVAAYDKHHSDLVKLKTLFREYIPEEYDNFFRKMEKANYSHYIGSTEYDGEKRCRTAKAKQEDFYKSINKM
LEKIPECSEKTEIQKEIIEGTFLLKQTGPQNGFVPNQLQLKELRKILQNASKHYPFLTEKDERDMTAIDRIEALFSFRIP
YYIGPLKNTDNQGHGWAVRRDGHEQIPVRPWNFEEIIDESASADLFIKNLVNSCTYLRTEKVLPKSSLLYQEFEVLNELN
NLRINGMYPDEIQPGLKRMIFEQCFYSGKKVTGKKLQLFLRSVLTNSSTEEFVLTGIDKDFKSSLSSYKKFCELFGVKTL
NDTQKVMAEQIIEWSTVYGDSRKFLKRKLEDNYPELTDQQIRRIAGFKFSEWGNLSRAFLEMEGYKDEAGNPVTIIRALR
DTQKNLMQLLSNDSAFAKKLQELNDYVTRDIWSIEPDDLDGMYLSAPVRRMIWQTFLILREVVDTIGYSPKKIFMEMARG
EQEKKRTASRKKQLIDLYKEAGMKNDELFGDLESLEEAQLRSKKLYLYFRQMGRDIYSGKLIDFMDVLHGNRYDIDAIHP
QSKKKDDSLENNLVLTSKDFNNHIKQDVYPIPEQIQSRQKGFWAMLLKQGFMSQEKYNRLMRTTPFTDEELAEFVNRQLV
ETRQGTKAIISLINQCFPDSEVVYVKAGNTSDFRQRFDIPKSRDLNNYHHAVDAYLNIVVGNVYDTKFTKNPINFIKKMR
KSGNLHSYSLRRMYDFNVQRGDQTAWVAENDTTLKTVKKTAFKTSPMVTKRTYERKGGLADSVLIAAKKAKPGVHLPVKT
SDSRFANQVSTYGGYDNVKGSHFFLVEHQQKKKTIRSIENVPIHLKEKLKTKEELEHYCAQVLGMVQPDVRLTRIPMYSL
LLIDGYYYYLTGRTGGNLSLSNAVELCLPAKEQAHIRMISKIAGGRSTDALSAEAKDDFRKKNLRLYDELAEKHRSTIFS
KRKNPIGPKLLKYREAFVKQTIENQCKVILQILKLTSTNCKTSADLKLIGGSGQEGVMSISKLLRAEKYAEFYLICQSPS
GIYETRKNLLTI
;
A
2 'polyribonucleotide'
;UGCAAGACAUAGAAAUAACCUGGUUUGAGUGUCUUGUUAAUUGAAAAAUUAACAAGAUGAGUUCAAAUCAGGCUCCUAGA
GAGAUCCGAACUUACCUUCAUGGCGGGCAUUGUGCCCUUUUUUUU
;
B
3 'polydeoxyribonucleotide'
;(DT)(DA)(DC)(DA)(DC)(DA)(DG)(DG)(DT)(DT)(DA)(DT)(DT)(DT)(DC)(DT)(DA)(DT)(DG)(DT)
(DC)(DT)(DT)(DG)(DC)(DA)
;
D
#
loop_
_chem_comp.id
_chem_comp.type
_chem_comp.name
_chem_comp.formula
A RNA linking ADENOSINE-5'-MONOPHOSPHATE 'C10 H14 N5 O7 P'
C RNA linking CYTIDINE-5'-MONOPHOSPHATE 'C9 H14 N3 O8 P'
DA DNA linking 2'-DEOXYADENOSINE-5'-MONOPHOSPHATE 'C10 H14 N5 O6 P'
DC DNA linking 2'-DEOXYCYTIDINE-5'-MONOPHOSPHATE 'C9 H14 N3 O7 P'
DG DNA linking 2'-DEOXYGUANOSINE-5'-MONOPHOSPHATE 'C10 H14 N5 O7 P'
DT DNA linking THYMIDINE-5'-MONOPHOSPHATE 'C10 H15 N2 O8 P'
G RNA linking GUANOSINE-5'-MONOPHOSPHATE 'C10 H14 N5 O8 P'
U RNA linking URIDINE-5'-MONOPHOSPHATE 'C9 H13 N2 O9 P'
#
# COMPACT_ATOMS: atom_id res chain seq x y z
N ASN A 12 39.46 6.36 -27.43
CA ASN A 12 40.12 5.86 -28.64
C ASN A 12 39.12 5.21 -29.59
N ALA A 13 38.76 3.96 -29.29
CA ALA A 13 37.84 3.22 -30.12
C ALA A 13 36.40 3.58 -29.78
N ASP A 14 35.46 2.97 -30.52
CA ASP A 14 34.04 3.21 -30.35
C ASP A 14 33.37 1.94 -29.89
N TYR A 15 32.63 2.00 -28.78
CA TYR A 15 31.95 0.83 -28.27
C TYR A 15 30.53 1.19 -27.86
N TYR A 16 29.67 0.17 -27.86
CA TYR A 16 28.27 0.29 -27.47
C TYR A 16 28.01 -0.64 -26.30
N ILE A 17 27.03 -0.28 -25.47
CA ILE A 17 26.65 -1.10 -24.33
C ILE A 17 25.17 -1.40 -24.40
N GLY A 18 24.82 -2.68 -24.27
CA GLY A 18 23.44 -3.12 -24.33
C GLY A 18 23.00 -3.60 -22.95
N LEU A 19 21.71 -3.39 -22.66
CA LEU A 19 21.20 -3.50 -21.31
C LEU A 19 19.79 -4.06 -21.35
N ASP A 20 19.55 -5.15 -20.63
CA ASP A 20 18.22 -5.75 -20.53
C ASP A 20 17.86 -5.86 -19.05
N MET A 21 16.90 -5.06 -18.62
CA MET A 21 16.53 -5.02 -17.21
C MET A 21 15.31 -5.87 -16.95
N GLY A 22 15.37 -6.66 -15.88
CA GLY A 22 14.22 -7.39 -15.41
C GLY A 22 14.10 -7.22 -13.90
N THR A 23 12.87 -7.41 -13.42
CA THR A 23 12.59 -7.15 -12.01
C THR A 23 13.45 -8.00 -11.09
N SER A 24 13.89 -9.17 -11.58
CA SER A 24 14.75 -10.07 -10.81
C SER A 24 16.19 -10.11 -11.32
N SER A 25 16.40 -9.90 -12.62
CA SER A 25 17.73 -9.99 -13.20
C SER A 25 18.00 -8.80 -14.12
N ALA A 26 19.27 -8.41 -14.18
CA ALA A 26 19.70 -7.33 -15.07
C ALA A 26 20.92 -7.81 -15.84
N GLY A 27 20.81 -7.85 -17.16
CA GLY A 27 21.87 -8.35 -18.02
C GLY A 27 22.53 -7.21 -18.79
N TRP A 28 23.84 -7.29 -18.92
CA TRP A 28 24.61 -6.26 -19.60
C TRP A 28 25.57 -6.90 -20.59
N ALA A 29 25.85 -6.17 -21.67
CA ALA A 29 26.81 -6.60 -22.66
C ALA A 29 27.50 -5.38 -23.25
N VAL A 30 28.70 -5.58 -23.76
CA VAL A 30 29.50 -4.51 -24.35
C VAL A 30 30.10 -5.01 -25.66
N SER A 31 30.03 -4.20 -26.71
CA SER A 31 30.49 -4.64 -28.03
C SER A 31 31.11 -3.48 -28.79
N ASP A 32 31.76 -3.81 -29.90
CA ASP A 32 32.26 -2.84 -30.85
C ASP A 32 31.29 -2.70 -32.02
N SER A 33 31.69 -1.95 -33.04
CA SER A 33 30.89 -1.88 -34.25
C SER A 33 30.90 -3.19 -35.03
N GLU A 34 31.87 -4.06 -34.74
CA GLU A 34 31.92 -5.39 -35.33
C GLU A 34 31.19 -6.42 -34.49
N TYR A 35 30.54 -5.99 -33.42
CA TYR A 35 29.70 -6.81 -32.55
C TYR A 35 30.49 -7.86 -31.78
N ASN A 36 31.82 -7.79 -31.81
CA ASN A 36 32.65 -8.60 -30.93
C ASN A 36 32.87 -7.86 -29.62
N LEU A 37 32.79 -8.59 -28.52
CA LEU A 37 32.75 -7.96 -27.21
C LEU A 37 34.09 -7.34 -26.85
N ILE A 38 34.04 -6.13 -26.29
CA ILE A 38 35.17 -5.62 -25.52
C ILE A 38 35.41 -6.56 -24.35
N ARG A 39 36.67 -6.91 -24.12
CA ARG A 39 37.02 -7.69 -22.94
C ARG A 39 38.23 -7.06 -22.25
N ARG A 40 38.05 -6.72 -20.98
CA ARG A 40 39.08 -6.09 -20.17
C ARG A 40 39.33 -6.95 -18.95
N LYS A 41 40.55 -6.83 -18.40
CA LYS A 41 41.03 -7.69 -17.34
C LYS A 41 40.98 -9.16 -17.75
N GLY A 42 41.07 -9.42 -19.05
CA GLY A 42 41.01 -10.77 -19.57
C GLY A 42 39.63 -11.39 -19.54
N LYS A 43 38.59 -10.60 -19.29
CA LYS A 43 37.25 -11.11 -19.03
C LYS A 43 36.30 -10.55 -20.07
N ASP A 44 35.51 -11.42 -20.70
CA ASP A 44 34.49 -10.97 -21.64
C ASP A 44 33.47 -10.11 -20.92
N LEU A 45 33.20 -8.93 -21.47
CA LEU A 45 32.36 -7.94 -20.80
C LEU A 45 30.89 -8.15 -21.18
N TRP A 46 30.32 -9.23 -20.63
CA TRP A 46 28.88 -9.38 -20.62
C TRP A 46 28.50 -10.36 -19.52
N GLY A 47 27.44 -10.03 -18.80
CA GLY A 47 27.06 -10.84 -17.65
C GLY A 47 25.65 -10.56 -17.20
N VAL A 48 25.26 -11.28 -16.14
CA VAL A 48 23.93 -11.20 -15.56
C VAL A 48 24.07 -10.98 -14.08
N ARG A 49 23.35 -10.01 -13.54
CA ARG A 49 23.31 -9.74 -12.11
C ARG A 49 21.91 -10.03 -11.61
N GLN A 50 21.79 -10.98 -10.70
CA GLN A 50 20.49 -11.35 -10.15
C GLN A 50 20.32 -10.75 -8.76
N PHE A 51 19.07 -10.47 -8.43
CA PHE A 51 18.73 -9.92 -7.12
C PHE A 51 17.28 -10.26 -6.82
N GLU A 52 16.97 -10.41 -5.54
CA GLU A 52 15.61 -10.72 -5.14
C GLU A 52 14.68 -9.55 -5.45
N GLU A 53 13.43 -9.87 -5.75
CA GLU A 53 12.42 -8.85 -5.98
C GLU A 53 12.26 -7.98 -4.73
N ALA A 54 12.43 -6.68 -4.89
CA ALA A 54 12.28 -5.76 -3.77
C ALA A 54 10.83 -5.74 -3.30
N LYS A 55 10.66 -5.48 -2.01
CA LYS A 55 9.35 -5.48 -1.39
C LYS A 55 8.84 -4.05 -1.22
N THR A 56 7.56 -3.85 -1.50
CA THR A 56 6.96 -2.54 -1.36
C THR A 56 6.83 -2.16 0.12
N ALA A 57 6.60 -0.87 0.37
CA ALA A 57 6.48 -0.34 1.71
C ALA A 57 5.08 -0.48 2.28
N ALA A 58 4.24 -1.35 1.70
CA ALA A 58 2.88 -1.49 2.18
C ALA A 58 2.85 -2.09 3.58
N GLU A 59 3.56 -3.19 3.79
CA GLU A 59 3.61 -3.81 5.12
C GLU A 59 4.25 -2.87 6.13
N ARG A 60 5.31 -2.18 5.73
CA ARG A 60 5.96 -1.24 6.63
C ARG A 60 5.03 -0.09 7.01
N ARG A 61 4.31 0.45 6.02
CA ARG A 61 3.39 1.54 6.33
C ARG A 61 2.27 1.06 7.24
N GLY A 62 1.75 -0.14 6.99
CA GLY A 62 0.71 -0.67 7.86
C GLY A 62 1.20 -0.84 9.29
N PHE A 63 2.40 -1.37 9.45
CA PHE A 63 2.94 -1.55 10.80
C PHE A 63 3.24 -0.20 11.45
N ARG A 64 3.66 0.79 10.67
CA ARG A 64 3.97 2.10 11.23
C ARG A 64 2.71 2.80 11.71
N VAL A 65 1.65 2.77 10.90
CA VAL A 65 0.40 3.38 11.35
C VAL A 65 -0.18 2.59 12.52
N ALA A 66 0.01 1.27 12.53
CA ALA A 66 -0.45 0.47 13.66
C ALA A 66 0.27 0.86 14.95
N ARG A 67 1.59 1.05 14.88
CA ARG A 67 2.33 1.39 16.09
C ARG A 67 2.05 2.82 16.53
N ARG A 68 1.82 3.73 15.59
CA ARG A 68 1.42 5.09 15.98
C ARG A 68 0.04 5.08 16.62
N ARG A 69 -0.88 4.27 16.09
CA ARG A 69 -2.19 4.10 16.70
C ARG A 69 -2.07 3.54 18.11
N LYS A 70 -1.19 2.55 18.30
CA LYS A 70 -0.96 1.99 19.62
C LYS A 70 -0.41 3.05 20.58
N GLN A 71 0.53 3.85 20.12
CA GLN A 71 1.11 4.88 20.98
C GLN A 71 0.06 5.91 21.38
N ARG A 72 -0.79 6.31 20.44
CA ARG A 72 -1.85 7.26 20.76
C ARG A 72 -2.86 6.64 21.73
N GLN A 73 -3.14 5.34 21.57
CA GLN A 73 -4.00 4.66 22.52
C GLN A 73 -3.37 4.65 23.91
N GLN A 74 -2.06 4.42 23.98
CA GLN A 74 -1.36 4.40 25.26
C GLN A 74 -1.43 5.76 25.95
N VAL A 75 -1.19 6.84 25.20
CA VAL A 75 -1.21 8.16 25.83
C VAL A 75 -2.63 8.53 26.22
N ARG A 76 -3.63 8.13 25.42
CA ARG A 76 -5.02 8.37 25.78
C ARG A 76 -5.37 7.67 27.09
N ASN A 77 -4.99 6.40 27.21
CA ASN A 77 -5.27 5.65 28.43
C ASN A 77 -4.54 6.25 29.63
N ARG A 78 -3.30 6.69 29.42
CA ARG A 78 -2.56 7.32 30.51
C ARG A 78 -3.22 8.60 30.97
N LEU A 79 -3.71 9.41 30.03
CA LEU A 79 -4.42 10.63 30.39
C LEU A 79 -5.68 10.32 31.18
N LEU A 80 -6.46 9.34 30.73
CA LEU A 80 -7.67 8.96 31.45
C LEU A 80 -7.33 8.48 32.86
N SER A 81 -6.26 7.69 32.99
CA SER A 81 -5.84 7.22 34.30
C SER A 81 -5.42 8.38 35.19
N GLU A 82 -4.71 9.37 34.62
CA GLU A 82 -4.32 10.53 35.41
C GLU A 82 -5.54 11.33 35.86
N GLU A 83 -6.59 11.36 35.05
CA GLU A 83 -7.79 12.09 35.42
C GLU A 83 -8.58 11.37 36.50
N PHE A 84 -8.55 10.05 36.52
CA PHE A 84 -9.23 9.28 37.57
C PHE A 84 -8.34 8.98 38.78
N GLN A 85 -7.06 9.37 38.71
CA GLN A 85 -6.09 8.93 39.70
C GLN A 85 -6.43 9.38 41.11
N ASN A 86 -6.91 10.62 41.27
CA ASN A 86 -7.16 11.13 42.61
C ASN A 86 -8.19 10.27 43.35
N GLU A 87 -9.34 10.05 42.73
CA GLU A 87 -10.37 9.24 43.38
C GLU A 87 -9.94 7.78 43.49
N ILE A 88 -9.24 7.25 42.48
CA ILE A 88 -8.80 5.86 42.56
C ILE A 88 -7.88 5.68 43.76
N THR A 89 -6.90 6.57 43.93
CA THR A 89 -6.00 6.50 45.07
C THR A 89 -6.76 6.71 46.38
N LYS A 90 -7.81 7.55 46.36
CA LYS A 90 -8.66 7.68 47.53
C LYS A 90 -9.27 6.34 47.92
N ILE A 91 -9.66 5.53 46.94
CA ILE A 91 -10.32 4.27 47.25
C ILE A 91 -9.35 3.09 47.24
N ASP A 92 -8.29 3.18 46.43
CA ASP A 92 -7.34 2.07 46.29
C ASP A 92 -6.01 2.61 45.83
N SER A 93 -4.96 2.33 46.60
CA SER A 93 -3.65 2.94 46.34
C SER A 93 -3.07 2.50 45.00
N GLY A 94 -3.16 1.22 44.68
CA GLY A 94 -2.45 0.69 43.53
C GLY A 94 -3.27 -0.01 42.48
N PHE A 95 -4.46 0.54 42.17
CA PHE A 95 -5.27 -0.04 41.11
C PHE A 95 -4.56 0.03 39.76
N LEU A 96 -3.93 1.17 39.47
CA LEU A 96 -3.28 1.35 38.18
C LEU A 96 -2.11 0.41 37.99
N LYS A 97 -1.34 0.17 39.05
CA LYS A 97 -0.22 -0.77 38.96
C LYS A 97 -0.70 -2.19 38.67
N ARG A 98 -1.77 -2.62 39.35
CA ARG A 98 -2.35 -3.93 39.05
C ARG A 98 -2.85 -4.00 37.62
N MET A 99 -3.46 -2.91 37.14
CA MET A 99 -3.89 -2.87 35.75
C MET A 99 -2.70 -3.04 34.81
N GLU A 100 -1.59 -2.38 35.13
CA GLU A 100 -0.41 -2.39 34.27
C GLU A 100 0.43 -3.65 34.41
N ASP A 101 0.16 -4.49 35.41
CA ASP A 101 0.93 -5.71 35.59
C ASP A 101 0.08 -6.95 35.38
N SER A 102 -0.75 -6.94 34.33
CA SER A 102 -1.69 -8.03 34.11
C SER A 102 -1.03 -9.28 33.53
N ARG A 103 -0.01 -9.13 32.69
CA ARG A 103 0.60 -10.32 32.08
C ARG A 103 1.23 -11.22 33.13
N PHE A 104 1.96 -10.63 34.07
CA PHE A 104 2.92 -11.35 34.87
C PHE A 104 2.24 -12.35 35.80
N VAL A 105 3.01 -13.38 36.17
CA VAL A 105 2.62 -14.32 37.21
C VAL A 105 2.65 -13.60 38.54
N ILE A 106 2.14 -14.26 39.59
CA ILE A 106 2.03 -13.62 40.90
C ILE A 106 3.38 -13.12 41.38
N SER A 107 4.44 -13.90 41.17
CA SER A 107 5.75 -13.52 41.68
C SER A 107 6.33 -12.32 40.95
N ASP A 108 6.09 -12.22 39.64
CA ASP A 108 6.74 -11.20 38.84
C ASP A 108 6.09 -9.83 38.96
N LYS A 109 4.95 -9.71 39.61
CA LYS A 109 4.30 -8.41 39.75
C LYS A 109 5.09 -7.53 40.71
N ARG A 110 4.88 -6.21 40.56
CA ARG A 110 5.51 -5.27 41.48
C ARG A 110 5.03 -5.48 42.92
N VAL A 111 3.73 -5.69 43.08
CA VAL A 111 3.13 -6.00 44.37
C VAL A 111 2.57 -7.41 44.31
N PRO A 112 2.80 -8.26 45.31
CA PRO A 112 2.38 -9.66 45.21
C PRO A 112 0.87 -9.83 45.42
N GLU A 113 0.15 -10.04 44.32
CA GLU A 113 -1.29 -10.26 44.35
C GLU A 113 -1.61 -11.40 43.40
N LYS A 114 -2.89 -11.81 43.37
CA LYS A 114 -3.31 -12.95 42.57
C LYS A 114 -4.01 -12.54 41.28
N TYR A 115 -4.95 -11.61 41.36
CA TYR A 115 -5.80 -11.24 40.23
C TYR A 115 -5.69 -9.75 39.92
N THR A 116 -5.91 -9.44 38.64
CA THR A 116 -5.58 -8.12 38.11
C THR A 116 -6.46 -7.02 38.67
N LEU A 117 -7.77 -7.26 38.73
CA LEU A 117 -8.73 -6.22 39.07
C LEU A 117 -9.41 -6.55 40.39
N PHE A 118 -9.67 -5.51 41.19
CA PHE A 118 -10.42 -5.62 42.45
C PHE A 118 -9.75 -6.60 43.41
N ASN A 119 -8.60 -6.19 43.91
CA ASN A 119 -7.86 -6.98 44.88
C ASN A 119 -8.44 -6.91 46.29
N ASP A 120 -9.25 -5.89 46.59
CA ASP A 120 -9.66 -5.67 47.97
C ASP A 120 -10.49 -6.82 48.50
N SER A 121 -10.30 -7.11 49.79
CA SER A 121 -11.00 -8.22 50.42
C SER A 121 -12.49 -7.96 50.49
N GLY A 122 -13.27 -9.04 50.34
CA GLY A 122 -14.70 -8.92 50.32
C GLY A 122 -15.24 -8.70 48.92
N TYR A 123 -14.82 -7.60 48.29
CA TYR A 123 -15.20 -7.30 46.91
C TYR A 123 -14.04 -7.63 45.97
N THR A 124 -13.72 -8.92 45.88
CA THR A 124 -12.67 -9.37 44.99
C THR A 124 -13.22 -9.60 43.59
N ASP A 125 -12.32 -10.05 42.69
CA ASP A 125 -12.69 -10.24 41.29
C ASP A 125 -13.67 -11.39 41.11
N VAL A 126 -13.56 -12.43 41.95
CA VAL A 126 -14.30 -13.67 41.73
C VAL A 126 -15.80 -13.44 41.81
N GLU A 127 -16.24 -12.46 42.58
CA GLU A 127 -17.65 -12.10 42.60
C GLU A 127 -17.95 -10.80 41.88
N TYR A 128 -16.93 -10.01 41.53
CA TYR A 128 -17.16 -8.90 40.61
C TYR A 128 -17.62 -9.44 39.26
N TYR A 129 -16.98 -10.50 38.77
CA TYR A 129 -17.45 -11.12 37.54
C TYR A 129 -18.75 -11.88 37.74
N ASN A 130 -19.08 -12.25 38.99
CA ASN A 130 -20.36 -12.91 39.25
C ASN A 130 -21.50 -11.90 39.20
N GLN A 131 -21.29 -10.70 39.75
CA GLN A 131 -22.31 -9.66 39.71
C GLN A 131 -22.52 -9.16 38.29
N TYR A 132 -21.43 -8.88 37.57
CA TYR A 132 -21.48 -8.45 36.17
C TYR A 132 -20.73 -9.46 35.32
N PRO A 133 -21.43 -10.37 34.64
CA PRO A 133 -20.73 -11.40 33.85
C PRO A 133 -19.77 -10.85 32.82
N THR A 134 -20.10 -9.71 32.20
CA THR A 134 -19.24 -9.10 31.19
C THR A 134 -19.12 -7.61 31.48
N ILE A 135 -18.35 -6.91 30.65
CA ILE A 135 -18.32 -5.46 30.75
C ILE A 135 -19.68 -4.88 30.37
N TYR A 136 -20.33 -5.50 29.39
CA TYR A 136 -21.67 -5.08 28.98
C TYR A 136 -22.56 -5.80 29.94
N HIS A 137 -22.80 -5.23 31.11
CA HIS A 137 -23.67 -5.78 32.14
C HIS A 137 -23.33 -4.75 33.15
N LEU A 138 -22.08 -4.33 33.12
CA LEU A 138 -21.65 -3.29 34.00
C LEU A 138 -22.07 -1.96 33.41
N ARG A 139 -21.87 -1.76 32.10
CA ARG A 139 -22.23 -0.48 31.50
C ARG A 139 -23.73 -0.28 31.54
N LYS A 140 -24.49 -1.36 31.36
CA LYS A 140 -25.94 -1.28 31.53
C LYS A 140 -26.29 -0.87 32.94
N ALA A 141 -25.58 -1.41 33.94
CA ALA A 141 -25.80 -0.99 35.31
C ALA A 141 -25.39 0.45 35.53
N LEU A 142 -24.32 0.89 34.88
CA LEU A 142 -23.85 2.26 35.05
C LEU A 142 -24.85 3.26 34.48
N ILE A 143 -25.43 2.97 33.32
CA ILE A 143 -26.29 3.95 32.66
C ILE A 143 -27.76 3.81 33.03
N GLU A 144 -28.18 2.71 33.63
CA GLU A 144 -29.57 2.46 33.99
C GLU A 144 -29.77 2.35 35.49
N SER A 145 -28.99 3.10 36.26
CA SER A 145 -29.12 3.06 37.71
C SER A 145 -28.61 4.37 38.30
N ASN A 146 -29.03 4.63 39.53
CA ASN A 146 -28.63 5.82 40.27
C ASN A 146 -27.80 5.53 41.50
N GLU A 147 -27.64 4.26 41.87
CA GLU A 147 -26.90 3.93 43.08
C GLU A 147 -25.44 4.33 42.92
N ARG A 148 -24.89 4.93 43.96
CA ARG A 148 -23.50 5.40 43.93
C ARG A 148 -22.55 4.23 43.68
N PHE A 149 -21.89 4.24 42.53
CA PHE A 149 -20.99 3.17 42.14
C PHE A 149 -19.57 3.48 42.59
N ASP A 150 -18.79 2.42 42.81
CA ASP A 150 -17.38 2.60 43.10
C ASP A 150 -16.68 3.25 41.91
N ILE A 151 -15.70 4.09 42.20
CA ILE A 151 -15.01 4.80 41.13
C ILE A 151 -14.31 3.82 40.21
N ARG A 152 -13.93 2.64 40.71
CA ARG A 152 -13.26 1.66 39.88
C ARG A 152 -14.20 1.10 38.82
N LEU A 153 -15.47 0.88 39.17
CA LEU A 153 -16.41 0.36 38.18
C LEU A 153 -16.64 1.35 37.05
N VAL A 154 -16.82 2.63 37.40
CA VAL A 154 -16.96 3.66 36.38
C VAL A 154 -15.69 3.76 35.54
N PHE A 155 -14.54 3.66 36.19
CA PHE A 155 -13.28 3.72 35.47
C PHE A 155 -13.17 2.57 34.47
N LEU A 156 -13.57 1.36 34.87
CA LEU A 156 -13.47 0.21 33.98
C LEU A 156 -14.46 0.33 32.82
N GLY A 157 -15.66 0.84 33.09
CA GLY A 157 -16.61 1.06 32.01
C GLY A 157 -16.09 2.05 30.98
N ILE A 158 -15.58 3.18 31.46
CA ILE A 158 -15.03 4.17 30.54
C ILE A 158 -13.78 3.64 29.85
N HIS A 159 -13.02 2.78 30.53
CA HIS A 159 -11.85 2.18 29.90
C HIS A 159 -12.24 1.27 28.75
N SER A 160 -13.27 0.46 28.94
CA SER A 160 -13.74 -0.38 27.84
C SER A 160 -14.27 0.47 26.70
N LEU A 161 -14.98 1.55 27.02
CA LEU A 161 -15.47 2.45 25.98
C LEU A 161 -14.30 3.06 25.20
N PHE A 162 -13.24 3.45 25.90
CA PHE A 162 -12.07 4.00 25.23
C PHE A 162 -11.40 2.95 24.35
N GLN A 163 -11.31 1.72 24.84
CA GLN A 163 -10.67 0.65 24.07
C GLN A 163 -11.53 0.18 22.90
N HIS A 164 -12.81 0.56 22.87
CA HIS A 164 -13.68 0.27 21.72
C HIS A 164 -14.38 1.55 21.28
N PRO A 165 -13.65 2.45 20.61
CA PRO A 165 -14.22 3.77 20.28
C PRO A 165 -15.39 3.74 19.30
N GLY A 166 -15.19 3.20 18.09
CA GLY A 166 -16.25 3.14 17.12
C GLY A 166 -15.82 3.70 15.78
N HIS A 167 -16.80 3.77 14.86
CA HIS A 167 -16.55 4.06 13.45
C HIS A 167 -15.70 5.31 13.24
N PHE A 168 -16.19 6.45 13.71
CA PHE A 168 -15.67 7.78 13.35
C PHE A 168 -15.86 8.08 11.87
N LEU A 169 -16.80 7.40 11.22
CA LEU A 169 -17.07 7.60 9.80
C LEU A 169 -18.38 8.33 9.54
N ASP A 170 -19.30 8.36 10.49
CA ASP A 170 -20.59 8.99 10.32
C ASP A 170 -20.61 10.38 10.95
N LYS A 171 -21.55 11.19 10.50
CA LYS A 171 -21.75 12.54 11.01
C LYS A 171 -23.13 12.62 11.65
N GLY A 172 -23.20 13.19 12.84
CA GLY A 172 -24.46 13.30 13.54
C GLY A 172 -24.24 13.80 14.96
N ASP A 173 -25.32 13.75 15.73
CA ASP A 173 -25.32 14.21 17.11
C ASP A 173 -25.83 13.10 18.02
N VAL A 174 -25.24 13.01 19.21
CA VAL A 174 -25.59 11.94 20.14
C VAL A 174 -26.99 12.15 20.70
N ASP A 175 -27.36 13.40 20.98
CA ASP A 175 -28.61 13.70 21.66
C ASP A 175 -29.85 13.41 20.83
N THR A 176 -29.69 13.15 19.52
CA THR A 176 -30.84 12.89 18.68
C THR A 176 -31.55 11.58 19.03
N ASP A 177 -30.87 10.67 19.74
CA ASP A 177 -31.48 9.41 20.14
C ASP A 177 -32.36 9.54 21.38
N ASN A 178 -32.27 10.66 22.11
CA ASN A 178 -33.10 10.83 23.29
C ASN A 178 -34.58 10.87 22.93
N THR A 179 -34.92 11.55 21.84
CA THR A 179 -36.30 11.63 21.38
C THR A 179 -36.65 10.37 20.59
N GLY A 180 -37.76 9.74 20.95
CA GLY A 180 -38.17 8.51 20.32
C GLY A 180 -38.68 8.71 18.91
N PRO A 181 -38.83 7.62 18.16
CA PRO A 181 -39.32 7.74 16.77
C PRO A 181 -40.71 8.35 16.68
N GLU A 182 -41.59 8.06 17.63
CA GLU A 182 -42.95 8.60 17.56
C GLU A 182 -42.96 10.11 17.75
N GLU A 183 -42.26 10.61 18.77
CA GLU A 183 -42.20 12.05 18.99
C GLU A 183 -41.50 12.76 17.85
N LEU A 184 -40.43 12.15 17.30
CA LEU A 184 -39.75 12.73 16.16
C LEU A 184 -40.66 12.80 14.94
N ILE A 185 -41.45 11.74 14.70
CA ILE A 185 -42.39 11.75 13.59
C ILE A 185 -43.45 12.82 13.78
N GLN A 186 -43.94 12.97 15.02
CA GLN A 186 -44.90 14.03 15.31
C GLN A 186 -44.30 15.41 15.04
N PHE A 187 -43.04 15.61 15.43
CA PHE A 187 -42.37 16.88 15.16
C PHE A 187 -41.99 17.05 13.69
N LEU A 188 -42.02 15.97 12.90
CA LEU A 188 -41.62 16.03 11.49
C LEU A 188 -42.79 15.69 10.57
N GLU A 189 -44.01 15.98 11.02
CA GLU A 189 -45.22 15.72 10.24
C GLU A 189 -45.86 17.06 9.92
N ASP A 190 -45.78 17.47 8.64
CA ASP A 190 -46.35 18.73 8.17
C ASP A 190 -45.82 19.91 8.99
N CYS A 191 -44.50 20.10 8.92
CA CYS A 191 -43.87 21.18 9.68
C CYS A 191 -44.38 22.53 9.22
N MET A 192 -44.52 22.73 7.91
CA MET A 192 -45.03 23.96 7.33
C MET A 192 -46.38 23.70 6.68
N ASN A 193 -46.92 24.74 6.05
CA ASN A 193 -48.25 24.66 5.44
C ASN A 193 -48.26 23.84 4.16
N GLU A 194 -47.10 23.49 3.61
CA GLU A 194 -47.05 22.74 2.36
C GLU A 194 -46.81 21.26 2.63
N LEU A 201 -48.87 10.24 7.44
CA LEU A 201 -47.51 10.09 7.96
C LEU A 201 -47.53 9.57 9.39
N VAL A 202 -48.39 10.17 10.22
CA VAL A 202 -48.48 9.76 11.62
C VAL A 202 -49.06 8.35 11.74
N SER A 203 -50.05 8.04 10.90
CA SER A 203 -50.70 6.73 10.98
C SER A 203 -49.72 5.60 10.70
N ASN A 204 -48.89 5.76 9.67
CA ASN A 204 -47.90 4.74 9.33
C ASN A 204 -46.55 5.10 9.95
N GLN A 205 -46.51 5.00 11.28
CA GLN A 205 -45.31 5.28 12.05
C GLN A 205 -44.53 4.01 12.38
N LYS A 206 -44.94 2.87 11.85
CA LYS A 206 -44.27 1.60 12.10
C LYS A 206 -43.55 1.07 10.87
N VAL A 207 -44.22 1.05 9.71
CA VAL A 207 -43.60 0.54 8.50
C VAL A 207 -42.48 1.46 8.03
N LEU A 208 -42.67 2.78 8.16
CA LEU A 208 -41.64 3.73 7.76
C LEU A 208 -40.38 3.55 8.60
N THR A 209 -40.55 3.45 9.92
CA THR A 209 -39.39 3.24 10.79
C THR A 209 -38.72 1.90 10.53
N ASP A 210 -39.53 0.86 10.28
CA ASP A 210 -38.96 -0.46 10.00
C ASP A 210 -38.13 -0.43 8.72
N ILE A 211 -38.63 0.24 7.68
CA ILE A 211 -37.86 0.34 6.44
C ILE A 211 -36.61 1.17 6.65
N LEU A 212 -36.72 2.27 7.39
CA LEU A 212 -35.57 3.15 7.60
C LEU A 212 -34.46 2.46 8.39
N THR A 213 -34.84 1.67 9.40
CA THR A 213 -33.87 1.06 10.30
C THR A 213 -33.39 -0.31 9.84
N ASP A 214 -33.87 -0.81 8.70
CA ASP A 214 -33.45 -2.10 8.17
C ASP A 214 -32.17 -1.91 7.36
N SER A 215 -31.07 -2.46 7.86
CA SER A 215 -29.79 -2.34 7.19
C SER A 215 -29.65 -3.27 5.99
N ARG A 216 -30.54 -4.26 5.86
CA ARG A 216 -30.46 -5.19 4.73
C ARG A 216 -30.70 -4.47 3.41
N ILE A 217 -31.67 -3.56 3.38
CA ILE A 217 -32.01 -2.82 2.17
C ILE A 217 -31.09 -1.62 2.05
N THR A 218 -30.63 -1.35 0.83
CA THR A 218 -29.76 -0.21 0.58
C THR A 218 -30.57 1.08 0.61
N ARG A 219 -29.87 2.21 0.46
CA ARG A 219 -30.52 3.51 0.51
C ARG A 219 -31.53 3.67 -0.62
N ARG A 220 -31.19 3.22 -1.83
CA ARG A 220 -32.11 3.31 -2.95
C ARG A 220 -33.35 2.47 -2.71
N ASP A 221 -33.18 1.26 -2.16
CA ASP A 221 -34.33 0.41 -1.85
C ASP A 221 -35.21 1.06 -0.78
N LYS A 222 -34.59 1.66 0.23
CA LYS A 222 -35.35 2.36 1.26
C LYS A 222 -36.15 3.51 0.65
N GLU A 223 -35.52 4.29 -0.22
CA GLU A 223 -36.21 5.40 -0.86
C GLU A 223 -37.38 4.92 -1.71
N GLN A 224 -37.17 3.85 -2.48
CA GLN A 224 -38.24 3.32 -3.32
C GLN A 224 -39.41 2.82 -2.46
N GLN A 225 -39.11 2.08 -1.40
CA GLN A 225 -40.17 1.57 -0.54
C GLN A 225 -40.93 2.70 0.14
N ILE A 226 -40.21 3.72 0.61
CA ILE A 226 -40.85 4.85 1.27
C ILE A 226 -41.76 5.59 0.29
N LEU A 227 -41.26 5.86 -0.92
CA LEU A 227 -42.09 6.52 -1.92
C LEU A 227 -43.31 5.70 -2.27
N GLU A 228 -43.17 4.37 -2.30
CA GLU A 228 -44.31 3.52 -2.59
C GLU A 228 -45.34 3.54 -1.48
N ILE A 229 -44.89 3.60 -0.22
CA ILE A 229 -45.82 3.37 0.89
C ILE A 229 -46.42 4.63 1.50
N LEU A 230 -45.76 5.80 1.38
CA LEU A 230 -46.35 6.99 1.98
C LEU A 230 -47.54 7.52 1.19
N GLN A 231 -47.66 7.19 -0.10
CA GLN A 231 -48.75 7.68 -0.94
C GLN A 231 -48.85 9.20 -0.87
N PRO A 232 -47.91 9.94 -1.45
CA PRO A 232 -47.87 11.39 -1.27
C PRO A 232 -49.07 12.08 -1.92
N ASN A 233 -49.35 13.27 -1.40
CA ASN A 233 -50.44 14.10 -1.92
C ASN A 233 -50.03 14.74 -3.25
N LYS A 234 -51.02 15.34 -3.92
CA LYS A 234 -50.78 15.96 -5.20
C LYS A 234 -49.97 17.25 -5.05
N GLU A 235 -49.36 17.66 -6.17
CA GLU A 235 -48.57 18.89 -6.27
C GLU A 235 -47.33 18.87 -5.38
N SER A 236 -46.94 17.69 -4.89
CA SER A 236 -45.74 17.57 -4.07
C SER A 236 -44.96 16.31 -4.39
N LYS A 237 -45.07 15.81 -5.63
CA LYS A 237 -44.38 14.59 -6.01
C LYS A 237 -42.87 14.79 -6.00
N LYS A 238 -42.39 15.83 -6.66
CA LYS A 238 -40.96 16.14 -6.62
C LYS A 238 -40.52 16.53 -5.22
N ALA A 239 -41.36 17.29 -4.52
CA ALA A 239 -41.03 17.69 -3.15
C ALA A 239 -40.93 16.48 -2.24
N VAL A 240 -41.87 15.54 -2.35
CA VAL A 240 -41.81 14.35 -1.50
C VAL A 240 -40.64 13.46 -1.90
N SER A 241 -40.31 13.39 -3.20
CA SER A 241 -39.15 12.61 -3.61
C SER A 241 -37.86 13.18 -3.02
N GLN A 242 -37.71 14.50 -3.07
CA GLN A 242 -36.53 15.13 -2.49
C GLN A 242 -36.52 14.97 -0.96
N PHE A 243 -37.70 15.01 -0.34
CA PHE A 243 -37.78 14.78 1.10
C PHE A 243 -37.32 13.37 1.45
N VAL A 244 -37.73 12.38 0.66
CA VAL A 244 -37.29 11.00 0.90
C VAL A 244 -35.79 10.88 0.67
N LYS A 245 -35.26 11.58 -0.34
CA LYS A 245 -33.83 11.58 -0.56
C LYS A 245 -33.07 12.15 0.63
N VAL A 246 -33.59 13.24 1.20
CA VAL A 246 -32.97 13.82 2.40
C VAL A 246 -33.08 12.84 3.56
N LEU A 247 -34.22 12.15 3.68
CA LEU A 247 -34.43 11.22 4.78
C LEU A 247 -33.44 10.06 4.72
N THR A 248 -33.48 9.27 3.65
CA THR A 248 -32.56 8.15 3.54
C THR A 248 -31.12 8.62 3.40
N GLY A 249 -30.91 9.73 2.70
CA GLY A 249 -29.61 10.36 2.59
C GLY A 249 -29.03 10.26 1.19
N GLN A 250 -29.24 11.31 0.40
CA GLN A 250 -28.63 11.47 -0.91
C GLN A 250 -28.43 12.96 -1.13
N LYS A 251 -27.64 13.27 -2.17
CA LYS A 251 -27.38 14.67 -2.51
C LYS A 251 -28.66 15.27 -3.11
N ALA A 252 -29.39 16.02 -2.30
CA ALA A 252 -30.66 16.60 -2.69
C ALA A 252 -30.60 18.12 -2.52
N LYS A 253 -31.00 18.86 -3.55
CA LYS A 253 -31.05 20.30 -3.46
C LYS A 253 -32.22 20.75 -2.60
N LEU A 254 -32.16 22.01 -2.14
CA LEU A 254 -33.27 22.58 -1.40
C LEU A 254 -34.53 22.62 -2.25
N GLY A 255 -34.49 23.43 -3.33
CA GLY A 255 -35.55 23.44 -4.32
C GLY A 255 -36.96 23.59 -3.78
N ASP A 256 -37.74 22.53 -3.92
CA ASP A 256 -39.14 22.53 -3.51
C ASP A 256 -39.35 22.08 -2.07
N LEU A 257 -38.27 21.86 -1.31
CA LEU A 257 -38.42 21.55 0.10
C LEU A 257 -39.10 22.69 0.84
N ILE A 258 -38.73 23.93 0.50
CA ILE A 258 -39.30 25.11 1.13
C ILE A 258 -40.14 25.96 0.19
N MET A 259 -40.01 25.76 -1.13
CA MET A 259 -40.94 26.29 -2.13
C MET A 259 -40.94 27.81 -2.18
N MET A 260 -39.79 28.38 -2.56
CA MET A 260 -39.76 29.72 -3.14
C MET A 260 -39.94 29.66 -4.66
N GLU A 261 -40.54 30.71 -5.20
CA GLU A 261 -40.84 30.76 -6.62
C GLU A 261 -39.58 30.88 -7.47
N ASP A 262 -38.61 31.68 -7.02
CA ASP A 262 -37.40 31.94 -7.81
C ASP A 262 -36.39 30.81 -7.57
N LYS A 263 -36.75 29.64 -8.10
CA LYS A 263 -35.88 28.47 -7.98
C LYS A 263 -34.60 28.63 -8.78
N ASP A 264 -34.60 29.48 -9.81
CA ASP A 264 -33.41 29.65 -10.65
C ASP A 264 -32.25 30.29 -9.89
N THR A 265 -32.52 30.96 -8.77
CA THR A 265 -31.46 31.58 -8.00
C THR A 265 -30.56 30.54 -7.36
N GLU A 266 -29.29 30.91 -7.16
CA GLU A 266 -28.32 29.96 -6.61
C GLU A 266 -28.59 29.63 -5.15
N GLU A 267 -29.13 30.59 -4.39
CA GLU A 267 -29.36 30.36 -2.96
C GLU A 267 -30.38 29.26 -2.73
N TYR A 268 -31.34 29.11 -3.63
CA TYR A 268 -32.37 28.07 -3.50
C TYR A 268 -32.02 26.81 -4.26
N LYS A 269 -30.87 26.76 -4.92
CA LYS A 269 -30.40 25.58 -5.63
C LYS A 269 -29.27 24.87 -4.91
N TYR A 270 -28.99 25.24 -3.67
CA TYR A 270 -27.90 24.61 -2.92
C TYR A 270 -28.24 23.16 -2.61
N SER A 271 -27.25 22.29 -2.79
CA SER A 271 -27.41 20.85 -2.58
C SER A 271 -26.64 20.43 -1.34
N PHE A 272 -27.28 19.65 -0.47
CA PHE A 272 -26.64 19.17 0.74
C PHE A 272 -27.17 17.78 1.06
N SER A 273 -26.28 16.92 1.56
CA SER A 273 -26.62 15.59 2.00
C SER A 273 -25.99 15.35 3.37
N PHE A 274 -26.75 14.70 4.25
CA PHE A 274 -26.24 14.43 5.60
C PHE A 274 -25.06 13.45 5.58
N ARG A 275 -24.90 12.69 4.50
CA ARG A 275 -23.75 11.78 4.41
C ARG A 275 -22.45 12.55 4.18
N GLU A 276 -22.51 13.62 3.40
CA GLU A 276 -21.31 14.38 3.08
C GLU A 276 -20.98 15.45 4.11
N LYS A 277 -21.99 16.02 4.77
CA LYS A 277 -21.77 17.11 5.72
C LYS A 277 -22.75 16.98 6.87
N THR A 278 -22.41 17.62 7.99
CA THR A 278 -23.24 17.64 9.17
C THR A 278 -24.15 18.86 9.19
N LEU A 279 -25.09 18.88 10.13
CA LEU A 279 -26.05 19.97 10.22
C LEU A 279 -25.36 21.29 10.53
N GLU A 280 -24.40 21.28 11.46
CA GLU A 280 -23.70 22.51 11.83
C GLU A 280 -22.80 23.02 10.71
N GLU A 281 -22.51 22.19 9.71
CA GLU A 281 -21.73 22.64 8.55
C GLU A 281 -22.61 23.08 7.39
N ILE A 282 -23.80 22.47 7.24
CA ILE A 282 -24.73 22.90 6.20
C ILE A 282 -25.45 24.17 6.60
N LEU A 283 -25.65 24.39 7.90
CA LEU A 283 -26.38 25.57 8.35
C LEU A 283 -25.78 26.89 7.87
N PRO A 284 -24.46 27.14 7.97
CA PRO A 284 -23.94 28.39 7.42
C PRO A 284 -24.17 28.54 5.92
N ASP A 285 -24.17 27.42 5.18
CA ASP A 285 -24.47 27.48 3.75
C ASP A 285 -25.93 27.79 3.46
N ILE A 286 -26.80 27.71 4.46
CA ILE A 286 -28.23 28.02 4.28
C ILE A 286 -28.75 29.00 5.31
N GLU A 287 -27.90 29.53 6.19
CA GLU A 287 -28.34 30.47 7.21
C GLU A 287 -28.81 31.77 6.57
N GLY A 288 -29.94 32.29 7.05
CA GLY A 288 -30.48 33.53 6.55
C GLY A 288 -31.31 33.37 5.29
N VAL A 289 -30.90 32.44 4.42
CA VAL A 289 -31.62 32.21 3.18
C VAL A 289 -33.00 31.63 3.47
N ILE A 290 -33.08 30.67 4.39
CA ILE A 290 -34.34 30.01 4.72
C ILE A 290 -35.07 30.83 5.77
N ASP A 291 -36.40 30.71 5.77
CA ASP A 291 -37.24 31.42 6.72
C ASP A 291 -37.40 30.59 8.00
N GLY A 292 -37.86 31.27 9.05
CA GLY A 292 -38.07 30.61 10.33
C GLY A 292 -36.76 30.35 11.06
N LEU A 293 -36.88 29.53 12.11
CA LEU A 293 -35.73 29.17 12.95
C LEU A 293 -35.03 27.96 12.34
N ALA A 294 -34.47 28.19 11.14
CA ALA A 294 -33.75 27.15 10.39
C ALA A 294 -34.62 25.91 10.19
N LEU A 295 -35.90 26.13 9.88
CA LEU A 295 -36.86 25.06 9.64
C LEU A 295 -36.96 24.10 10.83
N SER A 300 -39.04 18.61 4.90
CA SER A 300 -37.73 18.97 5.42
C SER A 300 -37.37 18.12 6.64
N ILE A 301 -36.50 17.14 6.44
CA ILE A 301 -36.07 16.28 7.53
C ILE A 301 -35.21 17.09 8.50
N TYR A 302 -35.53 17.01 9.79
CA TYR A 302 -34.81 17.74 10.82
C TYR A 302 -34.47 16.79 11.96
N SER A 303 -33.21 16.33 11.99
CA SER A 303 -32.68 15.52 13.07
C SER A 303 -33.51 14.24 13.27
N LEU A 304 -33.74 13.52 12.18
CA LEU A 304 -34.42 12.24 12.28
C LEU A 304 -33.65 11.19 11.48
N TYR A 305 -32.86 11.63 10.51
CA TYR A 305 -31.95 10.72 9.82
C TYR A 305 -30.86 10.23 10.75
N SER A 306 -30.37 11.11 11.63
CA SER A 306 -29.36 10.69 12.61
C SER A 306 -29.91 9.60 13.53
N TRP A 307 -31.18 9.74 13.94
CA TRP A 307 -31.80 8.71 14.74
C TRP A 307 -31.85 7.38 14.01
N SER A 308 -32.22 7.41 12.72
CA SER A 308 -32.28 6.18 11.95
C SER A 308 -30.91 5.53 11.82
N LEU A 309 -29.89 6.34 11.54
CA LEU A 309 -28.54 5.81 11.40
C LEU A 309 -28.03 5.20 12.70
N LEU A 310 -28.29 5.87 13.82
CA LEU A 310 -27.79 5.37 15.10
C LEU A 310 -28.60 4.19 15.63
N ASN A 311 -29.89 4.14 15.36
CA ASN A 311 -30.75 3.07 15.86
C ASN A 311 -30.90 1.92 14.87
N SER A 312 -30.30 2.00 13.69
CA SER A 312 -30.36 0.88 12.76
C SER A 312 -29.68 -0.36 13.33
N TYR A 313 -28.54 -0.17 13.98
CA TYR A 313 -27.78 -1.31 14.50
C TYR A 313 -28.39 -1.87 15.79
N MET A 314 -28.98 -1.02 16.62
CA MET A 314 -29.46 -1.45 17.94
C MET A 314 -30.92 -1.90 17.91
N LYS A 315 -31.25 -2.80 16.99
CA LYS A 315 -32.58 -3.37 16.90
C LYS A 315 -32.63 -4.70 17.63
N ASP A 316 -33.85 -5.14 17.94
CA ASP A 316 -34.06 -6.36 18.71
C ASP A 316 -34.83 -7.44 17.97
N THR A 317 -35.65 -7.08 16.97
CA THR A 317 -36.47 -8.01 16.18
C THR A 317 -37.23 -9.02 17.05
N LEU A 318 -37.45 -8.69 18.32
CA LEU A 318 -38.22 -9.52 19.23
C LEU A 318 -39.47 -8.84 19.72
N THR A 319 -39.35 -7.62 20.26
CA THR A 319 -40.50 -6.84 20.67
C THR A 319 -40.78 -5.65 19.76
N GLY A 320 -39.92 -5.39 18.78
CA GLY A 320 -40.11 -4.30 17.86
C GLY A 320 -39.70 -2.93 18.40
N HIS A 321 -39.19 -2.87 19.62
CA HIS A 321 -38.79 -1.61 20.24
C HIS A 321 -37.27 -1.53 20.27
N TYR A 322 -36.72 -0.49 19.65
CA TYR A 322 -35.28 -0.34 19.57
C TYR A 322 -34.69 -0.03 20.93
N TYR A 323 -33.52 -0.58 21.20
CA TYR A 323 -32.85 -0.34 22.48
C TYR A 323 -32.32 1.08 22.54
N SER A 324 -32.26 1.61 23.76
CA SER A 324 -31.83 3.00 23.94
C SER A 324 -30.33 3.14 23.73
N TYR A 325 -29.54 2.33 24.43
CA TYR A 325 -28.09 2.39 24.34
C TYR A 325 -27.54 1.03 23.91
N LEU A 326 -26.35 1.05 23.32
CA LEU A 326 -25.76 -0.17 22.79
C LEU A 326 -25.49 -1.20 23.88
N ALA A 327 -25.22 -0.75 25.11
CA ALA A 327 -25.04 -1.68 26.20
C ALA A 327 -26.31 -2.46 26.53
N GLU A 328 -27.49 -1.91 26.21
CA GLU A 328 -28.71 -2.68 26.34
C GLU A 328 -28.72 -3.85 25.35
N ALA A 329 -28.26 -3.61 24.13
CA ALA A 329 -27.88 -4.70 23.26
C ALA A 329 -26.58 -5.32 23.77
N ARG A 330 -26.24 -6.49 23.24
CA ARG A 330 -25.08 -7.27 23.64
C ARG A 330 -25.23 -7.80 25.06
N VAL A 331 -26.26 -7.40 25.77
CA VAL A 331 -26.74 -8.12 26.95
C VAL A 331 -27.90 -9.04 26.59
N ALA A 332 -28.82 -8.55 25.77
CA ALA A 332 -29.80 -9.42 25.15
C ALA A 332 -29.14 -10.42 24.23
N ALA A 333 -28.05 -10.03 23.57
CA ALA A 333 -27.26 -10.99 22.80
C ALA A 333 -26.59 -12.00 23.73
N TYR A 334 -26.14 -11.56 24.90
CA TYR A 334 -25.59 -12.49 25.89
C TYR A 334 -26.66 -13.50 26.35
N ASP A 335 -27.88 -13.01 26.61
CA ASP A 335 -28.95 -13.91 27.02
C ASP A 335 -29.34 -14.85 25.89
N LYS A 336 -29.34 -14.37 24.65
CA LYS A 336 -29.62 -15.24 23.51
C LYS A 336 -28.54 -16.30 23.36
N HIS A 337 -27.28 -15.92 23.59
CA HIS A 337 -26.19 -16.88 23.60
C HIS A 337 -26.41 -17.94 24.67
N HIS A 338 -26.82 -17.52 25.87
CA HIS A 338 -27.07 -18.49 26.94
C HIS A 338 -28.19 -19.44 26.55
N SER A 339 -29.29 -18.92 26.00
CA SER A 339 -30.41 -19.77 25.63
C SER A 339 -30.02 -20.74 24.52
N ASP A 340 -29.29 -20.25 23.52
CA ASP A 340 -28.86 -21.13 22.43
C ASP A 340 -27.89 -22.19 22.93
N LEU A 341 -26.99 -21.82 23.85
CA LEU A 341 -26.06 -22.79 24.40
C LEU A 341 -26.79 -23.86 25.20
N VAL A 342 -27.80 -23.47 25.98
CA VAL A 342 -28.52 -24.48 26.74
C VAL A 342 -29.35 -25.36 25.81
N LYS A 343 -29.88 -24.79 24.72
CA LYS A 343 -30.60 -25.61 23.74
C LYS A 343 -29.67 -26.63 23.09
N LEU A 344 -28.46 -26.20 22.71
CA LEU A 344 -27.51 -27.12 22.12
C LEU A 344 -27.03 -28.16 23.11
N LYS A 345 -26.87 -27.76 24.38
CA LYS A 345 -26.48 -28.71 25.41
C LYS A 345 -27.56 -29.78 25.61
N THR A 346 -28.83 -29.37 25.60
CA THR A 346 -29.91 -30.35 25.69
C THR A 346 -29.94 -31.24 24.46
N LEU A 347 -29.75 -30.66 23.27
CA LEU A 347 -29.77 -31.44 22.04
C LEU A 347 -28.57 -32.39 21.96
N PHE A 348 -27.50 -32.11 22.70
CA PHE A 348 -26.32 -32.95 22.70
C PHE A 348 -26.37 -34.03 23.77
N ARG A 349 -26.81 -33.69 24.99
CA ARG A 349 -26.87 -34.65 26.07
C ARG A 349 -27.72 -35.85 25.71
N GLU A 350 -28.78 -35.62 24.94
CA GLU A 350 -29.58 -36.69 24.38
C GLU A 350 -29.31 -36.77 22.87
N TYR A 351 -29.41 -37.99 22.35
CA TYR A 351 -28.99 -38.43 21.00
C TYR A 351 -27.48 -38.57 20.87
N ILE A 352 -26.71 -37.90 21.72
CA ILE A 352 -25.21 -37.95 21.62
C ILE A 352 -24.58 -37.87 23.03
N PRO A 353 -24.78 -38.87 23.92
CA PRO A 353 -24.13 -38.86 25.23
C PRO A 353 -22.60 -39.02 25.19
N GLU A 354 -22.02 -39.38 24.04
CA GLU A 354 -20.58 -39.61 23.99
C GLU A 354 -19.78 -38.38 23.59
N GLU A 355 -20.21 -37.65 22.57
CA GLU A 355 -19.38 -36.51 22.13
C GLU A 355 -19.57 -35.28 23.00
N TYR A 356 -20.23 -35.41 24.15
CA TYR A 356 -20.35 -34.29 25.08
C TYR A 356 -18.99 -33.85 25.59
N ASP A 357 -18.16 -34.81 25.99
CA ASP A 357 -16.85 -34.48 26.54
C ASP A 357 -15.89 -33.97 25.48
N ASN A 358 -16.03 -34.45 24.25
CA ASN A 358 -15.12 -34.07 23.17
C ASN A 358 -15.48 -32.75 22.51
N PHE A 359 -16.57 -32.11 22.91
CA PHE A 359 -17.01 -30.88 22.28
C PHE A 359 -17.16 -29.72 23.25
N PHE A 360 -17.64 -29.97 24.46
CA PHE A 360 -17.87 -28.91 25.42
C PHE A 360 -16.83 -28.86 26.53
N ARG A 361 -15.93 -29.82 26.60
CA ARG A 361 -14.86 -29.77 27.58
C ARG A 361 -13.48 -29.99 26.97
N LYS A 362 -13.35 -30.88 26.00
CA LYS A 362 -12.06 -31.14 25.37
C LYS A 362 -11.61 -29.93 24.55
N MET A 363 -10.32 -29.63 24.60
CA MET A 363 -9.76 -28.55 23.80
C MET A 363 -9.34 -29.04 22.42
N GLU A 364 -10.26 -29.71 21.73
CA GLU A 364 -10.01 -30.19 20.38
C GLU A 364 -10.18 -29.04 19.40
N LYS A 365 -10.23 -29.35 18.11
CA LYS A 365 -10.32 -28.32 17.08
C LYS A 365 -11.78 -27.92 16.85
N ALA A 366 -12.02 -26.61 16.80
CA ALA A 366 -13.28 -26.02 16.37
C ALA A 366 -14.46 -26.37 17.26
N ASN A 367 -14.23 -26.68 18.53
CA ASN A 367 -15.32 -26.92 19.45
C ASN A 367 -15.56 -25.66 20.29
N TYR A 368 -16.48 -25.78 21.25
CA TYR A 368 -16.87 -24.62 22.05
C TYR A 368 -15.71 -24.09 22.88
N SER A 369 -14.97 -24.99 23.53
CA SER A 369 -13.81 -24.56 24.29
C SER A 369 -12.77 -23.89 23.40
N HIS A 370 -12.63 -24.35 22.16
CA HIS A 370 -11.76 -23.66 21.21
C HIS A 370 -12.40 -22.39 20.68
N TYR A 371 -13.73 -22.38 20.55
CA TYR A 371 -14.41 -21.17 20.10
C TYR A 371 -14.22 -20.03 21.08
N ILE A 372 -14.04 -20.35 22.36
CA ILE A 372 -13.82 -19.33 23.38
C ILE A 372 -12.36 -19.26 23.80
N GLY A 373 -11.69 -20.39 23.92
CA GLY A 373 -10.33 -20.40 24.41
C GLY A 373 -10.29 -20.52 25.92
N SER A 374 -11.12 -21.42 26.46
CA SER A 374 -11.18 -21.63 27.91
C SER A 374 -11.90 -22.94 28.21
N THR A 375 -11.34 -23.73 29.11
CA THR A 375 -11.97 -24.97 29.53
C THR A 375 -11.50 -25.33 30.92
N GLU A 376 -12.35 -26.04 31.66
CA GLU A 376 -12.04 -26.55 32.99
C GLU A 376 -12.62 -27.96 33.11
N TYR A 377 -11.82 -28.95 32.73
CA TYR A 377 -12.29 -30.34 32.74
C TYR A 377 -12.66 -30.76 34.16
N ASP A 378 -11.66 -30.87 35.03
CA ASP A 378 -11.90 -31.27 36.42
C ASP A 378 -10.77 -30.72 37.27
N GLY A 379 -11.01 -29.59 37.93
CA GLY A 379 -10.07 -29.06 38.90
C GLY A 379 -8.80 -28.49 38.31
N GLU A 380 -8.47 -28.86 37.07
CA GLU A 380 -7.21 -28.44 36.48
C GLU A 380 -7.27 -26.96 36.10
N LYS A 381 -6.10 -26.39 35.88
CA LYS A 381 -5.99 -24.99 35.53
C LYS A 381 -6.63 -24.73 34.16
N ARG A 382 -7.11 -23.51 33.98
CA ARG A 382 -7.78 -23.16 32.74
C ARG A 382 -6.80 -23.21 31.57
N CYS A 383 -7.23 -23.88 30.49
CA CYS A 383 -6.43 -23.98 29.27
C CYS A 383 -6.91 -22.91 28.31
N ARG A 384 -6.20 -21.79 28.27
CA ARG A 384 -6.51 -20.68 27.38
C ARG A 384 -5.65 -20.81 26.13
N THR A 385 -6.30 -20.93 24.98
CA THR A 385 -5.61 -21.13 23.71
C THR A 385 -6.25 -20.16 22.71
N ALA A 386 -5.82 -20.24 21.45
CA ALA A 386 -6.36 -19.37 20.42
C ALA A 386 -7.84 -19.64 20.21
N LYS A 387 -8.60 -18.56 20.00
CA LYS A 387 -10.02 -18.67 19.77
C LYS A 387 -10.28 -19.20 18.36
N ALA A 388 -11.10 -20.23 18.26
CA ALA A 388 -11.46 -20.78 16.96
C ALA A 388 -12.35 -19.81 16.21
N LYS A 389 -12.20 -19.77 14.89
CA LYS A 389 -13.02 -18.89 14.07
C LYS A 389 -14.47 -19.38 14.08
N GLN A 390 -15.38 -18.45 13.78
CA GLN A 390 -16.80 -18.77 13.79
C GLN A 390 -17.13 -19.80 12.72
N GLU A 391 -16.52 -19.69 11.54
CA GLU A 391 -16.81 -20.63 10.46
C GLU A 391 -16.43 -22.05 10.84
N ASP A 392 -15.25 -22.24 11.44
CA ASP A 392 -14.83 -23.57 11.83
C ASP A 392 -15.74 -24.14 12.93
N PHE A 393 -16.14 -23.30 13.88
CA PHE A 393 -17.05 -23.76 14.93
C PHE A 393 -18.39 -24.18 14.36
N TYR A 394 -18.91 -23.39 13.42
CA TYR A 394 -20.18 -23.75 12.78
C TYR A 394 -20.04 -25.05 11.99
N LYS A 395 -18.91 -25.23 11.30
CA LYS A 395 -18.68 -26.47 10.58
C LYS A 395 -18.63 -27.66 11.52
N SER A 396 -17.97 -27.50 12.67
CA SER A 396 -17.90 -28.59 13.63
C SER A 396 -19.28 -28.90 14.22
N ILE A 397 -20.07 -27.87 14.52
CA ILE A 397 -21.41 -28.10 15.03
C ILE A 397 -22.25 -28.85 13.99
N ASN A 398 -22.16 -28.44 12.73
CA ASN A 398 -22.91 -29.12 11.68
C ASN A 398 -22.45 -30.58 11.53
N LYS A 399 -21.14 -30.81 11.61
CA LYS A 399 -20.63 -32.18 11.49
C LYS A 399 -21.11 -33.04 12.64
N MET A 400 -21.10 -32.50 13.85
CA MET A 400 -21.55 -33.27 15.02
C MET A 400 -23.07 -33.38 15.09
N LEU A 401 -23.80 -32.57 14.31
CA LEU A 401 -25.24 -32.72 14.21
C LEU A 401 -25.64 -33.81 13.23
N GLU A 402 -24.70 -34.31 12.42
CA GLU A 402 -25.02 -35.37 11.48
C GLU A 402 -25.44 -36.64 12.19
N LYS A 403 -24.78 -36.97 13.31
CA LYS A 403 -25.12 -38.16 14.07
C LYS A 403 -26.48 -38.06 14.75
N ILE A 404 -27.07 -36.87 14.83
CA ILE A 404 -28.38 -36.69 15.44
C ILE A 404 -29.46 -36.81 14.37
N PRO A 405 -30.44 -37.68 14.53
CA PRO A 405 -31.54 -37.75 13.57
C PRO A 405 -32.38 -36.48 13.60
N GLU A 406 -33.04 -36.22 12.47
CA GLU A 406 -33.76 -34.97 12.29
C GLU A 406 -34.84 -34.79 13.34
N CYS A 407 -34.89 -33.59 13.92
CA CYS A 407 -35.89 -33.23 14.90
C CYS A 407 -36.13 -31.72 14.83
N SER A 408 -37.04 -31.23 15.65
CA SER A 408 -37.38 -29.81 15.63
C SER A 408 -36.20 -28.96 16.07
N GLU A 409 -35.54 -29.36 17.17
CA GLU A 409 -34.42 -28.57 17.68
C GLU A 409 -33.26 -28.57 16.70
N LYS A 410 -32.99 -29.72 16.06
CA LYS A 410 -31.92 -29.76 15.06
C LYS A 410 -32.21 -28.83 13.90
N THR A 411 -33.45 -28.82 13.42
CA THR A 411 -33.82 -27.92 12.32
C THR A 411 -33.68 -26.47 12.73
N GLU A 412 -34.10 -26.12 13.95
CA GLU A 412 -34.02 -24.73 14.38
C GLU A 412 -32.55 -24.31 14.55
N ILE A 413 -31.71 -25.20 15.07
CA ILE A 413 -30.28 -24.91 15.19
C ILE A 413 -29.67 -24.68 13.82
N GLN A 414 -30.00 -25.55 12.86
CA GLN A 414 -29.44 -25.39 11.52
C GLN A 414 -29.92 -24.11 10.85
N LYS A 415 -31.19 -23.76 11.06
CA LYS A 415 -31.71 -22.51 10.51
C LYS A 415 -30.98 -21.31 11.11
N GLU A 416 -30.73 -21.35 12.42
CA GLU A 416 -29.99 -20.26 13.06
C GLU A 416 -28.56 -20.19 12.52
N ILE A 417 -27.93 -21.34 12.28
CA ILE A 417 -26.58 -21.35 11.76
C ILE A 417 -26.54 -20.75 10.36
N ILE A 418 -27.50 -21.11 9.51
CA ILE A 418 -27.58 -20.50 8.18
C ILE A 418 -27.82 -19.01 8.29
N GLU A 419 -28.71 -18.59 9.18
CA GLU A 419 -28.95 -17.16 9.39
C GLU A 419 -27.75 -16.46 10.00
N GLY A 420 -26.82 -17.20 10.59
CA GLY A 420 -25.63 -16.60 11.15
C GLY A 420 -25.81 -15.93 12.49
N THR A 421 -26.91 -16.22 13.19
CA THR A 421 -27.19 -15.62 14.48
C THR A 421 -27.29 -16.68 15.57
N PHE A 422 -26.37 -17.64 15.56
CA PHE A 422 -26.36 -18.73 16.53
C PHE A 422 -25.09 -18.65 17.37
N LEU A 423 -25.27 -18.71 18.70
CA LEU A 423 -24.15 -18.80 19.63
C LEU A 423 -23.18 -17.64 19.46
N LEU A 424 -23.71 -16.47 19.12
CA LEU A 424 -22.87 -15.34 18.76
C LEU A 424 -22.08 -14.83 19.96
N LYS A 425 -20.88 -14.34 19.68
CA LYS A 425 -20.06 -13.67 20.68
C LYS A 425 -20.19 -12.16 20.50
N GLN A 426 -19.76 -11.43 21.52
CA GLN A 426 -19.93 -9.98 21.53
C GLN A 426 -18.78 -9.26 20.83
N THR A 427 -17.54 -9.57 21.19
CA THR A 427 -16.37 -8.92 20.61
C THR A 427 -15.76 -9.84 19.56
N GLY A 428 -15.67 -9.35 18.33
CA GLY A 428 -15.10 -10.11 17.24
C GLY A 428 -14.92 -9.28 16.00
N PRO A 429 -14.60 -9.94 14.88
CA PRO A 429 -14.45 -9.20 13.62
C PRO A 429 -15.72 -8.54 13.13
N GLN A 430 -16.88 -8.96 13.65
CA GLN A 430 -18.16 -8.45 13.19
C GLN A 430 -18.53 -7.11 13.82
N ASN A 431 -17.72 -6.59 14.74
CA ASN A 431 -18.04 -5.38 15.48
C ASN A 431 -17.59 -4.12 14.77
N GLY A 432 -17.46 -4.14 13.46
CA GLY A 432 -17.03 -2.97 12.72
C GLY A 432 -18.12 -1.97 12.43
N PHE A 433 -19.35 -2.23 12.85
CA PHE A 433 -20.48 -1.36 12.56
C PHE A 433 -20.77 -0.35 13.66
N VAL A 434 -20.04 -0.39 14.77
CA VAL A 434 -20.35 0.47 15.90
C VAL A 434 -19.97 1.91 15.56
N PRO A 435 -20.91 2.84 15.59
CA PRO A 435 -20.58 4.24 15.37
C PRO A 435 -20.10 4.90 16.65
N ASN A 436 -19.17 5.84 16.50
CA ASN A 436 -18.63 6.52 17.66
C ASN A 436 -19.69 7.33 18.40
N GLN A 437 -20.78 7.70 17.72
CA GLN A 437 -21.83 8.47 18.37
C GLN A 437 -22.54 7.64 19.44
N LEU A 438 -22.75 6.34 19.17
CA LEU A 438 -23.44 5.50 20.14
C LEU A 438 -22.60 5.31 21.40
N GLN A 439 -21.31 5.02 21.23
CA GLN A 439 -20.42 4.92 22.38
C GLN A 439 -20.29 6.25 23.09
N LEU A 440 -20.34 7.35 22.36
CA LEU A 440 -20.29 8.67 22.99
C LEU A 440 -21.52 8.91 23.83
N LYS A 441 -22.69 8.49 23.34
CA LYS A 441 -23.91 8.60 24.14
C LYS A 441 -23.81 7.76 25.40
N GLU A 442 -23.27 6.54 25.28
CA GLU A 442 -23.08 5.70 26.45
C GLU A 442 -22.13 6.36 27.46
N LEU A 443 -21.04 6.93 26.97
CA LEU A 443 -20.09 7.60 27.86
C LEU A 443 -20.72 8.81 28.52
N ARG A 444 -21.52 9.58 27.77
CA ARG A 444 -22.20 10.73 28.34
C ARG A 444 -23.15 10.29 29.45
N LYS A 445 -23.90 9.22 29.23
CA LYS A 445 -24.81 8.73 30.27
C LYS A 445 -24.04 8.25 31.48
N ILE A 446 -22.93 7.54 31.27
CA ILE A 446 -22.11 7.07 32.39
C ILE A 446 -21.62 8.25 33.21
N LEU A 447 -21.09 9.27 32.53
CA LEU A 447 -20.52 10.41 33.22
C LEU A 447 -21.57 11.25 33.91
N GLN A 448 -22.76 11.36 33.33
CA GLN A 448 -23.83 12.10 33.99
C GLN A 448 -24.35 11.35 35.21
N ASN A 449 -24.50 10.04 35.12
CA ASN A 449 -24.94 9.26 36.27
C ASN A 449 -23.91 9.30 37.39
N ALA A 450 -22.62 9.20 37.07
CA ALA A 450 -21.59 9.25 38.09
C ALA A 450 -21.26 10.67 38.53
N SER A 451 -21.71 11.68 37.80
CA SER A 451 -21.42 13.06 38.16
C SER A 451 -22.25 13.54 39.35
N LYS A 452 -23.45 13.00 39.51
CA LYS A 452 -24.34 13.42 40.58
C LYS A 452 -23.85 12.97 41.96
N HIS A 453 -22.86 12.08 42.03
CA HIS A 453 -22.31 11.63 43.29
C HIS A 453 -20.87 12.08 43.49
N TYR A 454 -19.98 11.75 42.57
CA TYR A 454 -18.59 12.19 42.68
C TYR A 454 -18.47 13.64 42.23
N PRO A 455 -17.90 14.52 43.04
CA PRO A 455 -17.84 15.94 42.67
C PRO A 455 -16.63 16.29 41.83
N PHE A 456 -15.62 15.41 41.80
CA PHE A 456 -14.40 15.71 41.04
C PHE A 456 -14.65 15.75 39.54
N LEU A 457 -15.77 15.23 39.07
CA LEU A 457 -16.09 15.23 37.65
C LEU A 457 -16.78 16.52 37.21
N THR A 458 -16.95 17.48 38.13
CA THR A 458 -17.54 18.77 37.81
C THR A 458 -16.56 19.92 37.94
N GLU A 459 -15.51 19.77 38.75
CA GLU A 459 -14.57 20.86 39.01
C GLU A 459 -13.99 21.41 37.72
N LYS A 460 -13.86 22.74 37.66
CA LYS A 460 -13.44 23.42 36.45
C LYS A 460 -11.93 23.40 36.33
N ASP A 461 -11.44 23.95 35.21
CA ASP A 461 -10.02 24.03 34.92
C ASP A 461 -9.69 25.43 34.44
N GLU A 462 -8.40 25.69 34.20
CA GLU A 462 -7.98 27.01 33.75
C GLU A 462 -8.60 27.36 32.40
N ARG A 463 -8.65 26.38 31.49
CA ARG A 463 -9.26 26.57 30.18
C ARG A 463 -10.77 26.41 30.21
N ASP A 464 -11.38 26.50 31.40
CA ASP A 464 -12.83 26.34 31.57
C ASP A 464 -13.30 24.97 31.13
N MET A 465 -12.49 23.94 31.39
CA MET A 465 -12.91 22.56 31.20
C MET A 465 -13.65 22.08 32.45
N THR A 466 -14.10 20.83 32.44
CA THR A 466 -14.94 20.38 33.54
C THR A 466 -14.65 18.95 33.99
N ALA A 467 -13.51 18.38 33.62
CA ALA A 467 -13.11 17.01 33.94
C ALA A 467 -14.01 15.97 33.29
N ILE A 468 -15.05 16.39 32.58
CA ILE A 468 -15.90 15.49 31.80
C ILE A 468 -15.80 15.82 30.31
N ASP A 469 -15.76 17.10 29.96
CA ASP A 469 -15.59 17.48 28.57
C ASP A 469 -14.23 17.06 28.03
N ARG A 470 -13.22 16.96 28.89
CA ARG A 470 -11.91 16.53 28.43
C ARG A 470 -11.87 15.04 28.13
N ILE A 471 -12.57 14.22 28.93
CA ILE A 471 -12.66 12.80 28.62
C ILE A 471 -13.41 12.59 27.30
N GLU A 472 -14.50 13.33 27.10
CA GLU A 472 -15.21 13.25 25.84
C GLU A 472 -14.34 13.72 24.68
N ALA A 473 -13.54 14.76 24.91
CA ALA A 473 -12.64 15.24 23.87
C ALA A 473 -11.62 14.17 23.49
N LEU A 474 -10.99 13.55 24.49
CA LEU A 474 -10.05 12.46 24.22
C LEU A 474 -10.74 11.31 23.50
N PHE A 475 -12.00 11.04 23.82
CA PHE A 475 -12.76 10.04 23.09
C PHE A 475 -12.94 10.44 21.63
N SER A 476 -13.20 11.72 21.38
CA SER A 476 -13.59 12.18 20.05
C SER A 476 -12.46 12.83 19.26
N PHE A 477 -11.42 13.32 19.92
CA PHE A 477 -10.36 14.01 19.20
C PHE A 477 -9.56 13.01 18.38
N ARG A 478 -9.68 13.11 17.06
CA ARG A 478 -8.88 12.34 16.13
C ARG A 478 -8.06 13.31 15.30
N ILE A 479 -6.76 13.08 15.23
CA ILE A 479 -5.88 14.00 14.50
C ILE A 479 -6.28 14.01 13.04
N PRO A 480 -6.50 15.17 12.42
CA PRO A 480 -6.91 15.21 11.02
C PRO A 480 -5.81 14.67 10.11
N TYR A 481 -6.22 14.24 8.92
CA TYR A 481 -5.28 13.59 8.02
C TYR A 481 -4.22 14.56 7.52
N TYR A 482 -4.53 15.85 7.42
CA TYR A 482 -3.55 16.79 6.88
C TYR A 482 -2.47 17.14 7.90
N ILE A 483 -2.78 17.08 9.19
CA ILE A 483 -1.79 17.44 10.20
C ILE A 483 -0.67 16.42 10.25
N GLY A 484 -1.02 15.14 10.25
CA GLY A 484 -0.03 14.08 10.34
C GLY A 484 0.58 14.00 11.72
N PRO A 485 1.73 13.32 11.82
CA PRO A 485 2.41 13.21 13.11
C PRO A 485 2.81 14.57 13.64
N LEU A 486 2.71 14.74 14.96
CA LEU A 486 2.90 16.05 15.57
C LEU A 486 4.38 16.40 15.69
N LYS A 487 5.18 15.47 16.19
CA LYS A 487 6.59 15.72 16.45
C LYS A 487 7.45 15.04 15.40
N ASN A 488 8.58 15.66 15.09
CA ASN A 488 9.59 15.06 14.21
C ASN A 488 10.96 15.48 14.69
N THR A 489 11.78 14.50 15.09
CA THR A 489 13.15 14.74 15.53
C THR A 489 14.12 14.86 14.36
N ASP A 490 13.59 14.95 13.13
CA ASP A 490 14.37 15.06 11.91
C ASP A 490 15.22 13.82 11.64
N ASN A 491 14.93 12.72 12.34
CA ASN A 491 15.59 11.45 12.00
C ASN A 491 15.20 11.00 10.60
N GLN A 492 13.93 11.15 10.25
CA GLN A 492 13.46 10.92 8.89
C GLN A 492 12.26 11.82 8.65
N GLY A 493 12.11 12.29 7.42
CA GLY A 493 11.09 13.28 7.12
C GLY A 493 9.74 12.70 6.81
N HIS A 494 8.87 12.66 7.82
CA HIS A 494 7.50 12.21 7.62
C HIS A 494 6.49 13.07 8.37
N GLY A 495 6.92 14.17 8.99
CA GLY A 495 6.02 15.04 9.74
C GLY A 495 5.96 16.42 9.14
N TRP A 496 4.77 17.03 9.20
CA TRP A 496 4.56 18.37 8.68
C TRP A 496 4.04 19.34 9.74
N ALA A 497 3.78 18.87 10.96
CA ALA A 497 3.11 19.71 11.94
C ALA A 497 3.95 20.93 12.28
N VAL A 498 3.52 22.10 11.81
CA VAL A 498 4.21 23.35 12.07
C VAL A 498 3.69 23.92 13.38
N ARG A 499 4.59 24.13 14.33
CA ARG A 499 4.22 24.59 15.66
C ARG A 499 4.28 26.10 15.74
N ARG A 500 3.48 26.65 16.65
CA ARG A 500 3.45 28.09 16.85
C ARG A 500 4.77 28.58 17.45
N ASP A 501 5.16 29.80 17.06
CA ASP A 501 6.36 30.40 17.61
C ASP A 501 6.22 30.60 19.11
N GLY A 502 7.26 30.23 19.85
CA GLY A 502 7.23 30.28 21.29
C GLY A 502 6.56 29.11 21.96
N HIS A 503 6.03 28.16 21.19
CA HIS A 503 5.38 26.96 21.72
C HIS A 503 6.18 25.75 21.28
N GLU A 504 6.87 25.12 22.22
CA GLU A 504 7.69 23.95 21.93
C GLU A 504 7.79 23.12 23.20
N GLN A 505 8.28 21.89 23.04
CA GLN A 505 8.48 20.90 24.11
C GLN A 505 7.29 20.85 25.06
N ILE A 506 6.09 21.05 24.53
CA ILE A 506 4.85 20.99 25.29
C ILE A 506 3.94 19.97 24.59
N PRO A 507 3.42 18.97 25.28
CA PRO A 507 2.71 17.89 24.59
C PRO A 507 1.42 18.36 23.94
N VAL A 508 1.10 17.74 22.81
CA VAL A 508 -0.11 18.05 22.06
C VAL A 508 -1.24 17.15 22.56
N ARG A 509 -2.35 17.78 22.93
CA ARG A 509 -3.52 17.09 23.45
C ARG A 509 -4.74 17.66 22.74
N PRO A 510 -5.95 17.17 23.02
CA PRO A 510 -7.14 17.92 22.58
C PRO A 510 -7.18 19.29 23.25
N TRP A 511 -8.16 20.11 22.87
CA TRP A 511 -8.45 21.39 23.52
C TRP A 511 -7.30 22.40 23.42
N ASN A 512 -6.17 22.01 22.82
CA ASN A 512 -5.13 22.96 22.48
C ASN A 512 -4.49 22.62 21.15
N PHE A 513 -5.23 21.94 20.26
CA PHE A 513 -4.72 21.65 18.93
C PHE A 513 -4.53 22.92 18.12
N GLU A 514 -5.51 23.83 18.18
CA GLU A 514 -5.41 25.08 17.43
C GLU A 514 -4.39 26.03 18.04
N GLU A 515 -4.08 25.89 19.31
CA GLU A 515 -3.12 26.76 19.98
C GLU A 515 -1.68 26.31 19.82
N ILE A 516 -1.45 25.12 19.26
CA ILE A 516 -0.11 24.56 19.15
C ILE A 516 0.26 24.26 17.71
N ILE A 517 -0.63 23.57 16.98
CA ILE A 517 -0.42 23.28 15.57
C ILE A 517 -1.13 24.35 14.75
N ASP A 518 -0.39 24.99 13.85
CA ASP A 518 -1.01 25.87 12.86
C ASP A 518 -1.69 25.02 11.81
N GLU A 519 -2.99 24.79 11.96
CA GLU A 519 -3.70 23.86 11.09
C GLU A 519 -3.66 24.32 9.64
N SER A 520 -3.88 25.61 9.40
CA SER A 520 -3.86 26.13 8.03
C SER A 520 -2.48 25.95 7.40
N ALA A 521 -1.43 26.35 8.13
CA ALA A 521 -0.07 26.20 7.60
C ALA A 521 0.31 24.73 7.45
N SER A 522 -0.14 23.88 8.37
CA SER A 522 0.15 22.46 8.24
C SER A 522 -0.52 21.86 7.01
N ALA A 523 -1.78 22.22 6.76
CA ALA A 523 -2.45 21.73 5.56
C ALA A 523 -1.78 22.26 4.30
N ASP A 524 -1.36 23.52 4.31
CA ASP A 524 -0.64 24.07 3.18
C ASP A 524 0.65 23.30 2.93
N LEU A 525 1.40 23.01 3.99
CA LEU A 525 2.63 22.25 3.84
C LEU A 525 2.36 20.86 3.30
N PHE A 526 1.30 20.22 3.78
CA PHE A 526 0.93 18.89 3.27
C PHE A 526 0.68 18.93 1.78
N ILE A 527 -0.15 19.87 1.33
CA ILE A 527 -0.52 19.91 -0.08
C ILE A 527 0.68 20.26 -0.96
N LYS A 528 1.47 21.27 -0.57
CA LYS A 528 2.61 21.63 -1.40
C LYS A 528 3.73 20.60 -1.35
N ASN A 529 3.84 19.82 -0.27
CA ASN A 529 4.80 18.72 -0.28
C ASN A 529 4.33 17.60 -1.19
N LEU A 530 3.03 17.36 -1.24
CA LEU A 530 2.52 16.30 -2.12
C LEU A 530 2.59 16.72 -3.59
N VAL A 531 2.29 17.98 -3.89
CA VAL A 531 2.12 18.39 -5.28
C VAL A 531 3.47 18.40 -5.99
N ASN A 532 3.45 18.15 -7.29
CA ASN A 532 4.67 17.93 -8.05
C ASN A 532 5.10 19.20 -8.79
N SER A 533 6.33 19.18 -9.28
CA SER A 533 6.90 20.30 -10.00
C SER A 533 6.44 20.30 -11.45
N CYS A 534 6.75 21.38 -12.14
CA CYS A 534 6.31 21.53 -13.52
C CYS A 534 7.02 20.53 -14.43
N THR A 535 6.41 20.30 -15.59
CA THR A 535 7.01 19.44 -16.59
C THR A 535 8.02 20.15 -17.48
N TYR A 536 8.22 21.46 -17.27
CA TYR A 536 9.18 22.20 -18.07
C TYR A 536 10.15 22.98 -17.18
N LEU A 537 9.73 23.34 -15.98
CA LEU A 537 10.59 23.97 -14.98
C LEU A 537 10.58 23.07 -13.75
N ARG A 538 11.63 22.27 -13.59
CA ARG A 538 11.64 21.24 -12.56
C ARG A 538 11.85 21.78 -11.16
N THR A 539 11.91 23.10 -10.94
CA THR A 539 12.13 23.62 -9.59
C THR A 539 10.95 24.39 -9.04
N GLU A 540 10.06 24.88 -9.89
CA GLU A 540 8.91 25.66 -9.43
C GLU A 540 7.66 24.80 -9.44
N LYS A 541 6.79 25.04 -8.45
CA LYS A 541 5.61 24.22 -8.24
C LYS A 541 4.50 24.61 -9.21
N VAL A 542 3.47 23.77 -9.23
CA VAL A 542 2.45 23.85 -10.28
C VAL A 542 1.30 24.72 -9.80
N LEU A 543 0.56 25.27 -10.77
CA LEU A 543 -0.60 26.09 -10.56
C LEU A 543 -1.84 25.21 -10.36
N PRO A 544 -2.82 25.68 -9.59
CA PRO A 544 -4.08 24.93 -9.49
C PRO A 544 -4.77 24.86 -10.85
N LYS A 545 -5.51 23.76 -11.05
CA LYS A 545 -6.19 23.57 -12.33
C LYS A 545 -7.23 24.66 -12.58
N SER A 546 -7.94 25.08 -11.53
CA SER A 546 -8.97 26.09 -11.67
C SER A 546 -8.42 27.50 -11.70
N SER A 547 -7.11 27.68 -11.51
CA SER A 547 -6.51 29.00 -11.54
C SER A 547 -6.75 29.67 -12.87
N LEU A 548 -6.94 30.99 -12.85
CA LEU A 548 -7.34 31.72 -14.05
C LEU A 548 -6.32 31.57 -15.16
N LEU A 549 -5.04 31.67 -14.82
CA LEU A 549 -3.99 31.53 -15.83
C LEU A 549 -4.03 30.15 -16.48
N TYR A 550 -4.17 29.10 -15.67
CA TYR A 550 -4.15 27.75 -16.22
C TYR A 550 -5.37 27.47 -17.08
N GLN A 551 -6.55 27.87 -16.61
CA GLN A 551 -7.76 27.64 -17.41
C GLN A 551 -7.71 28.42 -18.72
N GLU A 552 -7.22 29.66 -18.66
CA GLU A 552 -7.04 30.42 -19.89
C GLU A 552 -6.03 29.74 -20.80
N PHE A 553 -5.01 29.11 -20.22
CA PHE A 553 -4.04 28.37 -21.02
C PHE A 553 -4.71 27.21 -21.75
N GLU A 554 -5.55 26.44 -21.03
CA GLU A 554 -6.22 25.32 -21.69
C GLU A 554 -7.13 25.81 -22.81
N VAL A 555 -7.92 26.85 -22.55
CA VAL A 555 -8.87 27.32 -23.55
C VAL A 555 -8.14 27.87 -24.77
N LEU A 556 -7.07 28.64 -24.54
CA LEU A 556 -6.29 29.18 -25.66
C LEU A 556 -5.63 28.07 -26.45
N ASN A 557 -5.09 27.06 -25.76
CA ASN A 557 -4.50 25.92 -26.47
C ASN A 557 -5.53 25.23 -27.34
N GLU A 558 -6.72 24.96 -26.79
CA GLU A 558 -7.75 24.28 -27.55
C GLU A 558 -8.19 25.10 -28.75
N LEU A 559 -8.29 26.42 -28.59
CA LEU A 559 -8.60 27.27 -29.73
C LEU A 559 -7.50 27.20 -30.78
N ASN A 560 -6.24 27.14 -30.33
CA ASN A 560 -5.13 27.05 -31.28
C ASN A 560 -5.19 25.76 -32.08
N ASN A 561 -5.51 24.63 -31.43
CA ASN A 561 -5.61 23.39 -32.17
C ASN A 561 -6.86 23.35 -33.06
N LEU A 562 -7.84 24.20 -32.79
CA LEU A 562 -9.07 24.20 -33.57
C LEU A 562 -8.81 24.72 -34.98
N ARG A 563 -9.29 23.98 -35.97
CA ARG A 563 -9.18 24.38 -37.37
C ARG A 563 -10.55 24.25 -38.02
N ILE A 564 -10.89 25.24 -38.85
CA ILE A 564 -12.18 25.29 -39.52
C ILE A 564 -11.94 25.12 -41.02
N ASN A 565 -12.42 24.00 -41.57
CA ASN A 565 -12.30 23.70 -42.99
C ASN A 565 -10.85 23.75 -43.46
N GLY A 566 -9.95 23.19 -42.66
CA GLY A 566 -8.55 23.13 -43.03
C GLY A 566 -7.83 24.46 -42.99
N MET A 567 -8.30 25.40 -42.18
CA MET A 567 -7.67 26.71 -42.06
C MET A 567 -7.48 27.06 -40.60
N TYR A 568 -6.49 27.92 -40.33
CA TYR A 568 -6.23 28.37 -38.98
C TYR A 568 -7.38 29.22 -38.47
N PRO A 569 -7.65 29.19 -37.16
CA PRO A 569 -8.80 29.93 -36.63
C PRO A 569 -8.74 31.43 -36.90
N ASP A 570 -7.55 32.02 -36.87
CA ASP A 570 -7.39 33.42 -37.19
C ASP A 570 -7.13 33.67 -38.67
N GLU A 571 -6.95 32.61 -39.46
CA GLU A 571 -6.70 32.80 -40.89
C GLU A 571 -7.96 33.18 -41.65
N ILE A 572 -9.13 32.81 -41.13
CA ILE A 572 -10.38 33.17 -41.79
C ILE A 572 -10.53 34.68 -41.85
N GLN A 573 -10.35 35.35 -40.70
CA GLN A 573 -10.31 36.80 -40.64
C GLN A 573 -9.68 37.18 -39.31
N PRO A 574 -8.84 38.22 -39.27
CA PRO A 574 -8.18 38.58 -38.02
C PRO A 574 -9.18 38.92 -36.92
N GLY A 575 -8.84 38.53 -35.70
CA GLY A 575 -9.70 38.75 -34.56
C GLY A 575 -10.73 37.66 -34.30
N LEU A 576 -10.71 36.58 -35.08
CA LEU A 576 -11.66 35.50 -34.85
C LEU A 576 -11.38 34.79 -33.54
N LYS A 577 -10.11 34.43 -33.30
CA LYS A 577 -9.76 33.74 -32.06
C LYS A 577 -10.04 34.60 -30.85
N ARG A 578 -9.72 35.89 -30.93
CA ARG A 578 -10.03 36.81 -29.83
C ARG A 578 -11.54 36.89 -29.60
N MET A 579 -12.32 36.95 -30.68
CA MET A 579 -13.77 37.01 -30.55
C MET A 579 -14.32 35.76 -29.87
N ILE A 580 -13.80 34.59 -30.26
CA ILE A 580 -14.25 33.35 -29.62
C ILE A 580 -13.87 33.33 -28.15
N PHE A 581 -12.64 33.76 -27.83
CA PHE A 581 -12.20 33.78 -26.45
C PHE A 581 -13.02 34.75 -25.61
N GLU A 582 -13.52 35.83 -26.23
CA GLU A 582 -14.20 36.87 -25.48
C GLU A 582 -15.70 36.58 -25.33
N GLN A 583 -16.42 36.45 -26.44
CA GLN A 583 -17.88 36.41 -26.41
C GLN A 583 -18.46 35.00 -26.37
N CYS A 584 -17.62 33.96 -26.41
CA CYS A 584 -18.11 32.60 -26.33
C CYS A 584 -17.79 31.92 -25.01
N PHE A 585 -16.74 32.37 -24.30
CA PHE A 585 -16.32 31.74 -23.07
C PHE A 585 -16.64 32.54 -21.82
N TYR A 586 -17.02 33.81 -21.97
CA TYR A 586 -17.34 34.61 -20.79
C TYR A 586 -18.51 34.03 -20.02
N SER A 587 -19.39 33.29 -20.70
CA SER A 587 -20.46 32.59 -19.98
C SER A 587 -19.91 31.52 -19.07
N GLY A 588 -18.76 30.93 -19.41
CA GLY A 588 -18.11 29.97 -18.55
C GLY A 588 -18.65 28.57 -18.61
N LYS A 589 -19.57 28.29 -19.52
CA LYS A 589 -20.17 26.96 -19.63
C LYS A 589 -19.47 26.16 -20.72
N LYS A 590 -19.77 24.86 -20.74
CA LYS A 590 -19.20 23.96 -21.73
C LYS A 590 -19.59 24.40 -23.14
N VAL A 591 -18.61 24.83 -23.93
CA VAL A 591 -18.86 25.27 -25.30
C VAL A 591 -18.83 24.04 -26.20
N THR A 592 -19.97 23.75 -26.82
CA THR A 592 -20.09 22.60 -27.72
C THR A 592 -19.82 23.04 -29.16
N GLY A 593 -19.80 22.04 -30.05
CA GLY A 593 -19.57 22.33 -31.45
C GLY A 593 -20.70 23.13 -32.08
N LYS A 594 -21.95 22.78 -31.76
CA LYS A 594 -23.08 23.49 -32.33
C LYS A 594 -23.12 24.94 -31.86
N LYS A 595 -22.70 25.22 -30.63
CA LYS A 595 -22.65 26.60 -30.17
C LYS A 595 -21.59 27.38 -30.93
N LEU A 596 -20.44 26.75 -31.22
CA LEU A 596 -19.42 27.41 -32.03
C LEU A 596 -19.92 27.66 -33.45
N GLN A 597 -20.67 26.71 -34.01
CA GLN A 597 -21.26 26.92 -35.33
C GLN A 597 -22.24 28.10 -35.31
N LEU A 598 -23.07 28.18 -34.26
CA LEU A 598 -24.00 29.29 -34.13
C LEU A 598 -23.26 30.62 -34.02
N PHE A 599 -22.18 30.66 -33.24
CA PHE A 599 -21.41 31.89 -33.13
C PHE A 599 -20.77 32.26 -34.46
N LEU A 600 -20.27 31.26 -35.21
CA LEU A 600 -19.69 31.54 -36.52
C LEU A 600 -20.73 32.10 -37.46
N ARG A 601 -21.97 31.58 -37.41
CA ARG A 601 -23.05 32.15 -38.20
C ARG A 601 -23.32 33.59 -37.77
N SER A 602 -23.33 33.85 -36.46
CA SER A 602 -23.75 35.16 -35.98
C SER A 602 -22.72 36.24 -36.26
N VAL A 603 -21.44 35.95 -36.02
CA VAL A 603 -20.44 37.02 -36.07
C VAL A 603 -19.93 37.25 -37.49
N LEU A 604 -20.02 36.26 -38.37
CA LEU A 604 -19.55 36.39 -39.74
C LEU A 604 -20.70 36.91 -40.60
N THR A 605 -20.63 38.19 -40.97
CA THR A 605 -21.64 38.75 -41.86
C THR A 605 -21.59 38.10 -43.24
N ASN A 606 -20.38 37.87 -43.75
CA ASN A 606 -20.20 37.20 -45.04
C ASN A 606 -20.31 35.69 -44.83
N SER A 607 -19.95 34.92 -45.88
CA SER A 607 -19.97 33.46 -45.84
C SER A 607 -21.39 32.95 -45.52
N SER A 608 -22.28 33.18 -46.49
CA SER A 608 -23.66 32.73 -46.35
C SER A 608 -23.74 31.24 -46.09
N THR A 609 -22.95 30.45 -46.81
CA THR A 609 -22.82 29.03 -46.49
C THR A 609 -22.12 28.87 -45.14
N GLU A 610 -22.68 28.01 -44.29
CA GLU A 610 -22.17 27.89 -42.93
C GLU A 610 -22.03 26.42 -42.51
N GLU A 611 -21.77 25.53 -43.46
CA GLU A 611 -21.49 24.13 -43.15
C GLU A 611 -19.98 23.99 -42.88
N PHE A 612 -19.56 24.61 -41.78
CA PHE A 612 -18.15 24.67 -41.42
C PHE A 612 -17.78 23.41 -40.66
N VAL A 613 -16.90 22.59 -41.25
CA VAL A 613 -16.45 21.36 -40.61
C VAL A 613 -15.40 21.72 -39.56
N LEU A 614 -15.61 21.21 -38.34
CA LEU A 614 -14.71 21.49 -37.22
C LEU A 614 -13.76 20.31 -37.02
N THR A 615 -12.47 20.60 -37.04
CA THR A 615 -11.45 19.61 -36.75
C THR A 615 -10.50 20.15 -35.69
N GLY A 616 -9.93 19.24 -34.90
CA GLY A 616 -9.08 19.62 -33.79
C GLY A 616 -9.73 19.53 -32.43
N ILE A 617 -11.06 19.41 -32.38
CA ILE A 617 -11.78 19.24 -31.12
C ILE A 617 -12.71 18.04 -31.27
N ASP A 618 -13.03 17.43 -30.13
CA ASP A 618 -13.92 16.26 -30.11
C ASP A 618 -15.37 16.67 -29.88
N LYS A 619 -15.86 17.59 -30.72
CA LYS A 619 -17.27 18.00 -30.76
C LYS A 619 -17.63 18.84 -29.54
N ASP A 620 -16.73 18.91 -28.55
CA ASP A 620 -16.97 19.69 -27.35
C ASP A 620 -15.65 20.27 -26.87
N PHE A 621 -15.70 21.51 -26.38
CA PHE A 621 -14.53 22.15 -25.80
C PHE A 621 -14.33 21.61 -24.38
N LYS A 622 -13.27 20.82 -24.20
CA LYS A 622 -13.06 20.15 -22.92
C LYS A 622 -12.75 21.12 -21.79
N SER A 623 -12.39 22.37 -22.10
CA SER A 623 -12.06 23.36 -21.10
C SER A 623 -12.99 24.57 -21.23
N SER A 624 -13.13 25.31 -20.14
CA SER A 624 -13.99 26.48 -20.14
C SER A 624 -13.55 27.41 -19.02
N LEU A 625 -13.63 28.72 -19.27
CA LEU A 625 -13.28 29.73 -18.27
C LEU A 625 -14.40 29.80 -17.23
N SER A 626 -14.47 28.74 -16.41
CA SER A 626 -15.46 28.71 -15.35
C SER A 626 -15.11 29.68 -14.22
N SER A 627 -13.84 29.69 -13.82
CA SER A 627 -13.43 30.51 -12.67
C SER A 627 -13.57 32.00 -12.96
N TYR A 628 -13.25 32.40 -14.19
CA TYR A 628 -13.37 33.81 -14.55
C TYR A 628 -14.82 34.29 -14.40
N LYS A 629 -15.76 33.52 -14.94
CA LYS A 629 -17.16 33.89 -14.82
C LYS A 629 -17.62 33.85 -13.36
N LYS A 630 -17.15 32.85 -12.62
CA LYS A 630 -17.55 32.74 -11.22
C LYS A 630 -17.13 33.98 -10.44
N PHE A 631 -15.89 34.44 -10.66
CA PHE A 631 -15.44 35.63 -9.95
C PHE A 631 -16.07 36.89 -10.51
N CYS A 632 -16.48 36.88 -11.78
CA CYS A 632 -17.21 38.02 -12.33
C CYS A 632 -18.54 38.20 -11.62
N GLU A 633 -19.29 37.12 -11.41
CA GLU A 633 -20.49 37.25 -10.58
C GLU A 633 -20.15 37.52 -9.12
N LEU A 634 -19.00 37.04 -8.65
CA LEU A 634 -18.61 37.31 -7.27
C LEU A 634 -18.43 38.80 -7.02
N PHE A 635 -17.78 39.49 -7.94
CA PHE A 635 -17.48 40.91 -7.77
C PHE A 635 -18.47 41.81 -8.49
N GLY A 636 -19.40 41.25 -9.25
CA GLY A 636 -20.42 42.04 -9.90
C GLY A 636 -19.96 42.73 -11.17
N VAL A 637 -18.67 43.03 -11.26
CA VAL A 637 -18.11 43.74 -12.41
C VAL A 637 -18.12 42.81 -13.62
N LYS A 638 -17.90 43.37 -14.80
CA LYS A 638 -17.88 42.57 -16.02
C LYS A 638 -16.51 41.94 -16.25
N THR A 639 -15.47 42.77 -16.32
CA THR A 639 -14.11 42.29 -16.56
C THR A 639 -13.25 42.66 -15.37
N LEU A 640 -12.48 41.69 -14.88
CA LEU A 640 -11.59 41.91 -13.75
C LEU A 640 -10.36 42.69 -14.18
N ASN A 641 -9.77 43.39 -13.22
CA ASN A 641 -8.51 44.08 -13.42
C ASN A 641 -7.36 43.26 -12.81
N ASP A 642 -6.16 43.84 -12.77
CA ASP A 642 -5.01 43.11 -12.27
C ASP A 642 -5.15 42.79 -10.78
N THR A 643 -5.60 43.77 -9.99
CA THR A 643 -5.76 43.54 -8.56
C THR A 643 -6.81 42.46 -8.29
N GLN A 644 -7.95 42.52 -8.99
CA GLN A 644 -8.95 41.48 -8.83
C GLN A 644 -8.44 40.13 -9.34
N LYS A 645 -7.60 40.14 -10.38
CA LYS A 645 -7.03 38.89 -10.87
C LYS A 645 -6.13 38.24 -9.81
N VAL A 646 -5.28 39.03 -9.15
CA VAL A 646 -4.43 38.49 -8.11
C VAL A 646 -5.28 38.00 -6.94
N MET A 647 -6.31 38.77 -6.58
CA MET A 647 -7.22 38.36 -5.51
C MET A 647 -7.85 37.01 -5.81
N ALA A 648 -8.36 36.85 -7.05
CA ALA A 648 -8.98 35.59 -7.44
C ALA A 648 -7.97 34.45 -7.47
N GLU A 649 -6.75 34.72 -7.93
CA GLU A 649 -5.71 33.69 -7.97
C GLU A 649 -5.42 33.17 -6.57
N GLN A 650 -5.25 34.08 -5.60
CA GLN A 650 -4.98 33.65 -4.24
C GLN A 650 -6.19 32.92 -3.64
N ILE A 651 -7.40 33.40 -3.93
CA ILE A 651 -8.59 32.75 -3.40
C ILE A 651 -8.69 31.31 -3.92
N ILE A 652 -8.42 31.13 -5.21
CA ILE A 652 -8.47 29.81 -5.81
C ILE A 652 -7.40 28.91 -5.23
N GLU A 653 -6.20 29.45 -5.02
CA GLU A 653 -5.13 28.64 -4.44
C GLU A 653 -5.51 28.16 -3.04
N TRP A 654 -6.07 29.06 -2.22
CA TRP A 654 -6.48 28.67 -0.88
C TRP A 654 -7.60 27.64 -0.93
N SER A 655 -8.58 27.84 -1.79
CA SER A 655 -9.70 26.90 -1.88
C SER A 655 -9.24 25.54 -2.36
N THR A 656 -8.26 25.48 -3.26
CA THR A 656 -7.76 24.20 -3.73
C THR A 656 -6.94 23.50 -2.66
N VAL A 657 -6.07 24.23 -1.97
CA VAL A 657 -5.22 23.60 -0.96
C VAL A 657 -6.06 23.10 0.21
N TYR A 658 -6.94 23.96 0.73
CA TYR A 658 -7.71 23.58 1.91
C TYR A 658 -8.81 22.58 1.56
N GLY A 659 -9.32 22.63 0.35
CA GLY A 659 -10.24 21.60 -0.11
C GLY A 659 -11.52 21.58 0.70
N ASP A 660 -11.86 20.39 1.21
CA ASP A 660 -13.13 20.19 1.90
C ASP A 660 -13.23 21.00 3.19
N SER A 661 -12.11 21.37 3.79
CA SER A 661 -12.12 22.14 5.03
C SER A 661 -12.27 23.61 4.69
N ARG A 662 -13.50 24.11 4.75
CA ARG A 662 -13.78 25.48 4.36
C ARG A 662 -13.47 26.49 5.45
N LYS A 663 -13.26 26.04 6.70
CA LYS A 663 -12.98 26.96 7.79
C LYS A 663 -11.66 27.68 7.57
N PHE A 664 -10.66 26.97 7.05
CA PHE A 664 -9.38 27.63 6.76
C PHE A 664 -9.55 28.72 5.72
N LEU A 665 -10.31 28.44 4.65
CA LEU A 665 -10.53 29.44 3.62
C LEU A 665 -11.28 30.65 4.18
N LYS A 666 -12.30 30.40 5.01
CA LYS A 666 -13.03 31.52 5.60
C LYS A 666 -12.14 32.37 6.49
N ARG A 667 -11.31 31.73 7.32
CA ARG A 667 -10.41 32.48 8.19
C ARG A 667 -9.40 33.29 7.38
N LYS A 668 -8.84 32.69 6.33
CA LYS A 668 -7.89 33.42 5.50
C LYS A 668 -8.55 34.61 4.83
N LEU A 669 -9.78 34.42 4.34
CA LEU A 669 -10.49 35.54 3.70
C LEU A 669 -10.76 36.65 4.69
N GLU A 670 -11.19 36.31 5.91
CA GLU A 670 -11.50 37.35 6.88
C GLU A 670 -10.25 38.06 7.36
N ASP A 671 -9.13 37.37 7.47
CA ASP A 671 -7.90 37.97 7.97
C ASP A 671 -7.04 38.60 6.87
N ASN A 672 -7.40 38.41 5.60
CA ASN A 672 -6.60 38.94 4.50
C ASN A 672 -7.35 39.88 3.60
N TYR A 673 -8.64 39.63 3.35
CA TYR A 673 -9.45 40.39 2.40
C TYR A 673 -10.68 40.90 3.14
N PRO A 674 -10.54 41.98 3.92
CA PRO A 674 -11.68 42.46 4.70
C PRO A 674 -12.79 43.09 3.89
N GLU A 675 -12.52 43.57 2.68
CA GLU A 675 -13.57 44.25 1.92
C GLU A 675 -14.64 43.31 1.40
N LEU A 676 -14.43 42.00 1.46
CA LEU A 676 -15.43 41.05 1.01
C LEU A 676 -16.60 41.01 2.00
N THR A 677 -17.79 40.82 1.46
CA THR A 677 -19.00 40.75 2.27
C THR A 677 -19.27 39.31 2.71
N ASP A 678 -20.18 39.15 3.66
CA ASP A 678 -20.50 37.83 4.18
C ASP A 678 -21.14 36.95 3.10
N GLN A 679 -22.02 37.55 2.28
CA GLN A 679 -22.60 36.80 1.17
C GLN A 679 -21.52 36.39 0.17
N GLN A 680 -20.56 37.29 -0.07
CA GLN A 680 -19.43 36.94 -0.95
C GLN A 680 -18.61 35.80 -0.36
N ILE A 681 -18.39 35.82 0.96
CA ILE A 681 -17.65 34.74 1.60
C ILE A 681 -18.39 33.42 1.47
N ARG A 682 -19.71 33.46 1.67
CA ARG A 682 -20.52 32.25 1.50
C ARG A 682 -20.44 31.74 0.08
N ARG A 683 -20.46 32.64 -0.91
CA ARG A 683 -20.32 32.22 -2.29
C ARG A 683 -18.95 31.60 -2.55
N ILE A 684 -17.90 32.17 -1.95
CA ILE A 684 -16.56 31.63 -2.11
C ILE A 684 -16.48 30.22 -1.55
N ALA A 685 -17.04 30.02 -0.35
CA ALA A 685 -17.00 28.71 0.28
C ALA A 685 -17.79 27.67 -0.50
N GLY A 686 -18.67 28.09 -1.40
CA GLY A 686 -19.46 27.16 -2.19
C GLY A 686 -18.85 26.76 -3.52
N PHE A 687 -17.64 27.21 -3.82
CA PHE A 687 -17.03 26.91 -5.10
C PHE A 687 -16.42 25.52 -5.10
N LYS A 688 -16.28 24.94 -6.29
CA LYS A 688 -15.73 23.61 -6.47
C LYS A 688 -14.39 23.73 -7.20
N PHE A 689 -13.33 23.93 -6.43
CA PHE A 689 -11.96 23.94 -6.94
C PHE A 689 -11.24 22.74 -6.31
N SER A 690 -10.91 21.74 -7.13
CA SER A 690 -10.48 20.46 -6.61
C SER A 690 -9.03 20.11 -6.95
N GLU A 691 -8.68 20.07 -8.23
CA GLU A 691 -7.46 19.39 -8.65
C GLU A 691 -6.37 20.38 -9.03
N TRP A 692 -5.15 19.85 -9.15
CA TRP A 692 -3.97 20.60 -9.52
C TRP A 692 -3.61 20.37 -10.98
N GLY A 693 -2.85 21.30 -11.53
CA GLY A 693 -2.49 21.27 -12.93
C GLY A 693 -1.19 20.53 -13.18
N ASN A 694 -0.58 20.83 -14.34
CA ASN A 694 0.69 20.22 -14.70
C ASN A 694 1.71 21.22 -15.22
N LEU A 695 1.42 22.52 -15.18
CA LEU A 695 2.35 23.56 -15.63
C LEU A 695 2.50 24.60 -14.54
N SER A 696 3.72 25.08 -14.34
CA SER A 696 4.02 26.02 -13.27
C SER A 696 3.57 27.43 -13.65
N ARG A 697 3.62 28.33 -12.65
CA ARG A 697 3.25 29.72 -12.89
C ARG A 697 4.33 30.46 -13.67
N ALA A 698 5.60 30.23 -13.33
CA ALA A 698 6.67 30.94 -14.00
C ALA A 698 6.85 30.50 -15.44
N PHE A 699 6.49 29.25 -15.75
CA PHE A 699 6.61 28.79 -17.12
C PHE A 699 5.68 29.55 -18.05
N LEU A 700 4.46 29.83 -17.60
CA LEU A 700 3.48 30.52 -18.44
C LEU A 700 3.79 32.00 -18.60
N GLU A 701 4.51 32.61 -17.66
CA GLU A 701 4.82 34.03 -17.74
C GLU A 701 6.32 34.29 -17.96
N MET A 702 7.04 33.32 -18.52
CA MET A 702 8.45 33.54 -18.81
C MET A 702 8.62 34.53 -19.95
N GLU A 703 9.67 35.36 -19.87
CA GLU A 703 9.89 36.43 -20.83
C GLU A 703 10.72 35.87 -21.99
N GLY A 704 10.02 35.38 -23.02
CA GLY A 704 10.71 34.85 -24.17
C GLY A 704 11.51 35.90 -24.92
N TYR A 705 10.89 37.05 -25.19
CA TYR A 705 11.55 38.09 -25.95
C TYR A 705 10.83 39.41 -25.76
N LYS A 706 11.51 40.50 -26.14
CA LYS A 706 10.93 41.83 -26.16
C LYS A 706 10.06 41.96 -27.40
N ASP A 707 8.98 42.71 -27.30
CA ASP A 707 8.20 43.02 -28.48
C ASP A 707 8.65 44.35 -29.07
N GLU A 708 8.03 44.73 -30.19
CA GLU A 708 8.38 45.99 -30.83
C GLU A 708 8.07 47.18 -29.93
N ALA A 709 6.91 47.13 -29.25
CA ALA A 709 6.52 48.21 -28.36
C ALA A 709 7.37 48.29 -27.10
N GLY A 710 8.15 47.26 -26.80
CA GLY A 710 8.99 47.25 -25.62
C GLY A 710 8.42 46.46 -24.46
N ASN A 711 7.14 46.11 -24.50
CA ASN A 711 6.55 45.32 -23.42
C ASN A 711 7.09 43.89 -23.45
N PRO A 712 7.11 43.22 -22.31
CA PRO A 712 7.50 41.80 -22.30
C PRO A 712 6.44 40.92 -22.93
N VAL A 713 6.87 39.76 -23.43
CA VAL A 713 5.97 38.75 -23.94
C VAL A 713 6.11 37.51 -23.06
N THR A 714 5.02 36.77 -22.96
CA THR A 714 4.98 35.57 -22.15
C THR A 714 4.37 34.43 -22.96
N ILE A 715 4.54 33.21 -22.46
CA ILE A 715 4.00 32.05 -23.16
C ILE A 715 2.48 32.16 -23.25
N ILE A 716 1.84 32.53 -22.16
CA ILE A 716 0.38 32.68 -22.17
C ILE A 716 -0.02 33.80 -23.11
N ARG A 717 0.71 34.91 -23.09
CA ARG A 717 0.41 36.01 -24.01
C ARG A 717 0.74 35.62 -25.45
N ALA A 718 1.76 34.77 -25.65
CA ALA A 718 2.07 34.29 -26.99
C ALA A 718 0.93 33.45 -27.54
N LEU A 719 0.35 32.59 -26.70
CA LEU A 719 -0.84 31.85 -27.10
C LEU A 719 -2.01 32.79 -27.36
N ARG A 720 -2.15 33.83 -26.54
CA ARG A 720 -3.25 34.78 -26.70
C ARG A 720 -3.17 35.50 -28.03
N ASP A 721 -1.97 35.92 -28.44
CA ASP A 721 -1.82 36.74 -29.63
C ASP A 721 -1.62 35.90 -30.89
N THR A 722 -0.58 35.06 -30.91
CA THR A 722 -0.24 34.30 -32.10
C THR A 722 -1.16 33.10 -32.25
N GLN A 723 -0.89 32.28 -33.26
CA GLN A 723 -1.64 31.06 -33.53
C GLN A 723 -0.68 29.88 -33.37
N LYS A 724 -0.53 29.42 -32.14
CA LYS A 724 0.38 28.34 -31.81
C LYS A 724 -0.05 27.72 -30.51
N ASN A 725 0.36 26.47 -30.29
CA ASN A 725 0.16 25.80 -29.01
C ASN A 725 1.50 25.73 -28.28
N LEU A 726 1.48 25.06 -27.12
CA LEU A 726 2.65 25.03 -26.27
C LEU A 726 3.84 24.38 -26.96
N MET A 727 3.61 23.25 -27.63
CA MET A 727 4.70 22.54 -28.29
C MET A 727 5.28 23.37 -29.43
N GLN A 728 4.42 24.07 -30.17
CA GLN A 728 4.92 24.94 -31.23
C GLN A 728 5.69 26.12 -30.65
N LEU A 729 5.23 26.64 -29.51
CA LEU A 729 5.95 27.71 -28.83
C LEU A 729 7.29 27.26 -28.31
N LEU A 730 7.46 25.96 -28.05
CA LEU A 730 8.72 25.41 -27.58
C LEU A 730 9.48 24.70 -28.70
N SER A 731 9.42 25.23 -29.93
CA SER A 731 10.14 24.64 -31.05
C SER A 731 11.64 24.92 -30.90
N ASN A 732 12.42 24.33 -31.82
CA ASN A 732 13.88 24.42 -31.70
C ASN A 732 14.39 25.85 -31.85
N ASP A 733 13.82 26.61 -32.78
CA ASP A 733 14.30 27.96 -33.06
C ASP A 733 13.60 29.04 -32.24
N SER A 734 12.60 28.68 -31.44
CA SER A 734 11.84 29.67 -30.70
C SER A 734 12.69 30.27 -29.59
N ALA A 735 12.50 31.57 -29.35
CA ALA A 735 13.21 32.23 -28.26
C ALA A 735 12.81 31.64 -26.91
N PHE A 736 11.59 31.12 -26.81
CA PHE A 736 11.17 30.46 -25.59
C PHE A 736 12.02 29.23 -25.31
N ALA A 737 12.45 28.52 -26.35
CA ALA A 737 13.34 27.37 -26.13
C ALA A 737 14.67 27.80 -25.55
N LYS A 738 15.25 28.89 -26.07
CA LYS A 738 16.50 29.40 -25.52
C LYS A 738 16.33 29.84 -24.07
N LYS A 739 15.22 30.52 -23.78
CA LYS A 739 14.97 30.94 -22.40
C LYS A 739 14.78 29.73 -21.49
N LEU A 740 14.15 28.68 -22.00
CA LEU A 740 13.96 27.46 -21.22
C LEU A 740 15.30 26.78 -20.93
N GLN A 741 16.17 26.72 -21.93
CA GLN A 741 17.49 26.14 -21.72
C GLN A 741 18.31 26.95 -20.72
N GLU A 742 18.20 28.28 -20.80
CA GLU A 742 18.92 29.13 -19.86
C GLU A 742 18.38 28.97 -18.45
N LEU A 743 17.05 28.92 -18.30
CA LEU A 743 16.46 28.82 -16.96
C LEU A 743 16.70 27.45 -16.36
N ASN A 744 16.50 26.38 -17.14
CA ASN A 744 16.76 25.03 -16.69
C ASN A 744 18.25 24.73 -16.89
N ASP A 745 19.06 25.20 -15.96
CA ASP A 745 20.50 25.00 -16.04
C ASP A 745 20.83 23.52 -16.04
N TYR A 746 21.68 23.11 -16.97
CA TYR A 746 22.06 21.71 -17.13
C TYR A 746 23.49 21.52 -16.65
N VAL A 747 23.68 20.62 -15.69
CA VAL A 747 24.99 20.28 -15.18
C VAL A 747 25.23 18.80 -15.43
N THR A 748 26.35 18.49 -16.08
CA THR A 748 26.72 17.10 -16.34
C THR A 748 27.37 16.56 -15.07
N ARG A 749 26.55 16.06 -14.17
CA ARG A 749 27.02 15.59 -12.88
C ARG A 749 27.92 14.37 -13.05
N ASP A 750 28.92 14.26 -12.19
CA ASP A 750 29.92 13.21 -12.32
C ASP A 750 29.28 11.84 -12.15
N ILE A 751 29.79 10.87 -12.90
CA ILE A 751 29.25 9.50 -12.90
C ILE A 751 29.37 8.90 -11.50
N TRP A 752 30.38 9.32 -10.75
CA TRP A 752 30.65 8.78 -9.43
C TRP A 752 29.95 9.57 -8.32
N SER A 753 28.95 10.37 -8.67
CA SER A 753 28.23 11.17 -7.68
C SER A 753 26.74 10.90 -7.68
N ILE A 754 26.30 9.78 -8.25
CA ILE A 754 24.88 9.43 -8.25
C ILE A 754 24.60 8.51 -7.08
N GLU A 755 24.25 9.09 -5.94
CA GLU A 755 23.83 8.31 -4.78
C GLU A 755 22.48 7.69 -5.13
N PRO A 756 22.07 6.58 -4.50
CA PRO A 756 20.83 5.93 -4.94
C PRO A 756 19.57 6.67 -4.53
N ASP A 757 19.74 7.88 -3.98
CA ASP A 757 18.62 8.76 -3.66
C ASP A 757 18.20 9.63 -4.83
N ASP A 758 18.96 9.65 -5.92
CA ASP A 758 18.57 10.45 -7.07
C ASP A 758 17.28 9.95 -7.68
N LEU A 759 17.10 8.63 -7.76
CA LEU A 759 15.89 8.03 -8.29
C LEU A 759 14.81 7.85 -7.23
N ASP A 760 14.95 8.51 -6.09
CA ASP A 760 13.94 8.44 -5.04
C ASP A 760 12.88 9.54 -5.15
N GLY A 761 13.02 10.45 -6.10
CA GLY A 761 12.03 11.50 -6.29
C GLY A 761 10.97 11.09 -7.29
N MET A 762 11.39 10.64 -8.47
CA MET A 762 10.46 10.14 -9.46
C MET A 762 9.69 8.95 -8.89
N TYR A 763 8.38 8.95 -9.11
CA TYR A 763 7.50 7.98 -8.46
C TYR A 763 7.71 6.59 -9.03
N LEU A 764 8.55 5.80 -8.37
CA LEU A 764 8.89 4.46 -8.82
C LEU A 764 8.64 3.47 -7.70
N SER A 765 8.18 2.28 -8.08
CA SER A 765 8.02 1.20 -7.12
C SER A 765 9.39 0.66 -6.70
N ALA A 766 9.43 0.05 -5.52
CA ALA A 766 10.70 -0.47 -5.01
C ALA A 766 11.37 -1.47 -5.93
N PRO A 767 10.66 -2.45 -6.53
CA PRO A 767 11.35 -3.33 -7.49
C PRO A 767 12.01 -2.58 -8.63
N VAL A 768 11.32 -1.57 -9.17
CA VAL A 768 11.90 -0.78 -10.26
C VAL A 768 13.09 0.03 -9.75
N ARG A 769 13.00 0.54 -8.51
CA ARG A 769 14.12 1.29 -7.95
C ARG A 769 15.37 0.42 -7.84
N ARG A 770 15.21 -0.81 -7.34
CA ARG A 770 16.35 -1.72 -7.24
C ARG A 770 16.87 -2.09 -8.61
N MET A 771 15.97 -2.37 -9.56
CA MET A 771 16.34 -2.57 -10.94
C MET A 771 17.26 -1.47 -11.44
N ILE A 772 16.79 -0.23 -11.32
CA ILE A 772 17.52 0.92 -11.84
C ILE A 772 18.87 1.06 -11.16
N TRP A 773 18.90 0.91 -9.83
CA TRP A 773 20.14 1.11 -9.11
C TRP A 773 21.19 0.06 -9.48
N GLN A 774 20.79 -1.22 -9.52
CA GLN A 774 21.77 -2.25 -9.84
C GLN A 774 22.24 -2.12 -11.28
N THR A 775 21.32 -1.83 -12.21
CA THR A 775 21.72 -1.66 -13.60
C THR A 775 22.68 -0.48 -13.76
N PHE A 776 22.41 0.62 -13.06
CA PHE A 776 23.30 1.78 -13.15
C PHE A 776 24.64 1.50 -12.49
N LEU A 777 24.66 0.69 -11.43
CA LEU A 777 25.94 0.30 -10.83
C LEU A 777 26.78 -0.49 -11.82
N ILE A 778 26.15 -1.43 -12.53
CA ILE A 778 26.86 -2.17 -13.57
C ILE A 778 27.36 -1.22 -14.66
N LEU A 779 26.51 -0.27 -15.08
CA LEU A 779 26.91 0.70 -16.08
C LEU A 779 28.12 1.51 -15.63
N ARG A 780 28.10 1.99 -14.39
CA ARG A 780 29.20 2.80 -13.87
C ARG A 780 30.48 2.00 -13.80
N GLU A 781 30.41 0.76 -13.31
CA GLU A 781 31.61 -0.07 -13.25
C GLU A 781 32.18 -0.32 -14.63
N VAL A 782 31.31 -0.64 -15.60
CA VAL A 782 31.78 -0.93 -16.95
C VAL A 782 32.42 0.31 -17.58
N VAL A 783 31.79 1.47 -17.42
CA VAL A 783 32.32 2.69 -18.02
C VAL A 783 33.63 3.08 -17.37
N ASP A 784 33.74 2.96 -16.04
CA ASP A 784 34.99 3.28 -15.37
C ASP A 784 36.11 2.36 -15.85
N THR A 785 35.84 1.05 -15.90
CA THR A 785 36.87 0.11 -16.32
C THR A 785 37.29 0.36 -17.77
N ILE A 786 36.32 0.59 -18.66
CA ILE A 786 36.65 0.75 -20.07
C ILE A 786 37.41 2.06 -20.30
N GLY A 787 36.94 3.14 -19.69
CA GLY A 787 37.67 4.39 -19.75
C GLY A 787 36.88 5.57 -20.28
N TYR A 788 36.04 5.36 -21.29
CA TYR A 788 35.32 6.43 -21.94
C TYR A 788 33.84 6.06 -22.12
N SER A 789 33.02 7.10 -22.28
CA SER A 789 31.58 6.93 -22.30
C SER A 789 31.15 6.19 -23.57
N PRO A 790 30.11 5.36 -23.48
CA PRO A 790 29.65 4.64 -24.67
C PRO A 790 29.04 5.57 -25.69
N LYS A 791 29.20 5.21 -26.97
CA LYS A 791 28.59 5.99 -28.04
C LYS A 791 27.09 5.70 -28.14
N LYS A 792 26.70 4.44 -27.91
CA LYS A 792 25.29 4.07 -27.88
C LYS A 792 25.04 3.11 -26.73
N ILE A 793 23.90 3.29 -26.08
CA ILE A 793 23.46 2.42 -24.99
C ILE A 793 22.08 1.90 -25.38
N PHE A 794 22.03 0.65 -25.81
CA PHE A 794 20.79 0.04 -26.27
C PHE A 794 20.03 -0.55 -25.09
N MET A 795 18.70 -0.43 -25.14
CA MET A 795 17.88 -0.75 -23.99
C MET A 795 16.46 -1.07 -24.43
N GLU A 796 15.75 -1.82 -23.59
CA GLU A 796 14.41 -2.25 -23.90
C GLU A 796 13.42 -1.10 -23.79
N MET A 797 12.22 -1.33 -24.30
CA MET A 797 11.15 -0.34 -24.27
C MET A 797 10.33 -0.48 -23.00
N GLN A 964 8.01 0.80 -18.11
CA GLN A 964 7.67 2.02 -17.39
C GLN A 964 8.87 2.63 -16.68
N GLY A 965 9.42 1.88 -15.73
CA GLY A 965 10.51 2.39 -14.92
C GLY A 965 11.82 2.55 -15.66
N THR A 966 11.94 1.93 -16.84
CA THR A 966 13.16 2.08 -17.64
C THR A 966 13.47 3.54 -17.90
N LYS A 967 12.42 4.35 -18.10
CA LYS A 967 12.62 5.77 -18.37
C LYS A 967 13.44 6.44 -17.28
N ALA A 968 13.35 5.94 -16.05
CA ALA A 968 14.16 6.50 -14.97
C ALA A 968 15.64 6.46 -15.30
N ILE A 969 16.14 5.29 -15.72
CA ILE A 969 17.55 5.20 -16.09
C ILE A 969 17.87 6.15 -17.22
N ILE A 970 16.90 6.41 -18.10
CA ILE A 970 17.09 7.41 -19.15
C ILE A 970 17.61 8.69 -18.55
N SER A 971 16.89 9.21 -17.54
CA SER A 971 17.34 10.42 -16.87
C SER A 971 18.77 10.29 -16.40
N LEU A 972 19.07 9.17 -15.71
CA LEU A 972 20.42 8.98 -15.20
C LEU A 972 21.43 9.01 -16.34
N ILE A 973 21.12 8.35 -17.45
CA ILE A 973 22.02 8.40 -18.60
C ILE A 973 22.21 9.84 -19.04
N ASN A 974 21.10 10.56 -19.22
CA ASN A 974 21.17 11.96 -19.65
C ASN A 974 21.80 12.85 -18.60
N GLN A 975 21.95 12.37 -17.37
CA GLN A 975 22.63 13.14 -16.33
C GLN A 975 24.09 12.80 -16.20
N CYS A 976 24.56 11.74 -16.87
CA CYS A 976 25.94 11.32 -16.65
C CYS A 976 26.69 11.06 -17.95
N PHE A 977 25.97 10.69 -19.00
CA PHE A 977 26.56 10.36 -20.30
C PHE A 977 25.85 11.15 -21.39
N PRO A 978 26.12 12.46 -21.49
CA PRO A 978 25.46 13.26 -22.53
C PRO A 978 25.77 12.80 -23.94
N ASP A 979 26.97 12.28 -24.18
CA ASP A 979 27.34 11.85 -25.53
C ASP A 979 26.51 10.65 -25.98
N SER A 980 26.23 9.72 -25.07
CA SER A 980 25.52 8.51 -25.44
C SER A 980 24.08 8.81 -25.82
N GLU A 981 23.59 8.12 -26.85
CA GLU A 981 22.19 8.21 -27.26
C GLU A 981 21.55 6.85 -27.11
N VAL A 982 20.43 6.79 -26.41
CA VAL A 982 19.76 5.53 -26.12
C VAL A 982 18.93 5.12 -27.33
N VAL A 983 19.19 3.93 -27.84
CA VAL A 983 18.48 3.39 -28.98
C VAL A 983 17.48 2.37 -28.45
N TYR A 984 16.22 2.77 -28.36
CA TYR A 984 15.18 1.89 -27.86
C TYR A 984 15.00 0.70 -28.79
N VAL A 985 14.88 -0.49 -28.22
CA VAL A 985 14.64 -1.71 -28.97
C VAL A 985 13.24 -2.20 -28.66
N LYS A 986 12.52 -2.62 -29.69
CA LYS A 986 11.18 -3.16 -29.50
C LYS A 986 11.25 -4.52 -28.80
N ALA A 987 10.24 -4.78 -27.96
CA ALA A 987 10.28 -5.98 -27.13
C ALA A 987 10.25 -7.25 -27.98
N GLY A 988 9.41 -7.28 -29.01
CA GLY A 988 9.29 -8.47 -29.84
C GLY A 988 10.33 -8.62 -30.92
N ASN A 989 11.08 -7.56 -31.21
CA ASN A 989 12.10 -7.63 -32.25
C ASN A 989 13.20 -8.63 -31.90
N THR A 990 13.64 -8.61 -30.64
CA THR A 990 14.67 -9.54 -30.21
C THR A 990 14.19 -10.98 -30.35
N SER A 991 12.97 -11.26 -29.90
CA SER A 991 12.43 -12.62 -29.99
C SER A 991 12.26 -13.05 -31.45
N ASP A 992 11.85 -12.12 -32.31
CA ASP A 992 11.76 -12.43 -33.73
C ASP A 992 13.13 -12.80 -34.28
N PHE A 993 14.17 -12.07 -33.87
CA PHE A 993 15.53 -12.44 -34.27
C PHE A 993 15.90 -13.83 -33.77
N ARG A 994 15.57 -14.14 -32.51
CA ARG A 994 15.94 -15.44 -31.96
C ARG A 994 15.27 -16.58 -32.72
N GLN A 995 13.98 -16.43 -33.01
CA GLN A 995 13.27 -17.49 -33.70
C GLN A 995 13.70 -17.60 -35.16
N ARG A 996 13.88 -16.46 -35.83
CA ARG A 996 14.15 -16.47 -37.26
C ARG A 996 15.58 -16.88 -37.59
N PHE A 997 16.55 -16.50 -36.76
CA PHE A 997 17.94 -16.83 -37.00
C PHE A 997 18.45 -17.95 -36.10
N ASP A 998 17.54 -18.67 -35.43
CA ASP A 998 17.86 -19.90 -34.70
C ASP A 998 18.89 -19.64 -33.58
N ILE A 999 18.46 -18.84 -32.62
CA ILE A 999 19.19 -18.68 -31.36
C ILE A 999 18.23 -19.00 -30.23
N PRO A 1000 18.09 -20.27 -29.85
CA PRO A 1000 17.13 -20.62 -28.80
C PRO A 1000 17.45 -19.96 -27.47
N LYS A 1001 16.40 -19.67 -26.72
CA LYS A 1001 16.51 -19.17 -25.35
C LYS A 1001 15.97 -20.25 -24.41
N SER A 1002 16.72 -20.56 -23.36
CA SER A 1002 16.34 -21.62 -22.44
C SER A 1002 16.18 -21.00 -21.05
N ARG A 1003 14.95 -20.56 -20.76
CA ARG A 1003 14.67 -19.89 -19.49
C ARG A 1003 14.80 -20.82 -18.30
N ASP A 1004 14.77 -22.13 -18.51
CA ASP A 1004 14.84 -23.09 -17.42
C ASP A 1004 16.24 -23.66 -17.20
N LEU A 1005 17.14 -23.53 -18.18
CA LEU A 1005 18.44 -24.16 -18.09
C LEU A 1005 19.40 -23.35 -17.23
N ASN A 1006 19.71 -22.13 -17.66
CA ASN A 1006 20.70 -21.30 -17.00
C ASN A 1006 20.28 -19.85 -17.13
N ASN A 1007 21.06 -18.95 -16.54
CA ASN A 1007 20.77 -17.53 -16.52
C ASN A 1007 21.44 -16.77 -17.65
N TYR A 1008 22.12 -17.47 -18.56
CA TYR A 1008 22.81 -16.81 -19.67
C TYR A 1008 21.85 -16.10 -20.60
N HIS A 1009 20.58 -16.47 -20.62
CA HIS A 1009 19.65 -15.87 -21.58
C HIS A 1009 19.53 -14.38 -21.39
N HIS A 1010 19.74 -13.88 -20.16
CA HIS A 1010 19.72 -12.43 -19.95
C HIS A 1010 20.88 -11.75 -20.68
N ALA A 1011 22.09 -12.32 -20.59
CA ALA A 1011 23.23 -11.74 -21.27
C ALA A 1011 23.09 -11.86 -22.79
N VAL A 1012 22.59 -13.01 -23.26
CA VAL A 1012 22.35 -13.14 -24.69
C VAL A 1012 21.29 -12.16 -25.14
N ASP A 1013 20.31 -11.89 -24.28
CA ASP A 1013 19.28 -10.89 -24.62
C ASP A 1013 19.89 -9.50 -24.72
N ALA A 1014 20.82 -9.16 -23.84
CA ALA A 1014 21.46 -7.85 -23.94
C ALA A 1014 22.30 -7.73 -25.20
N TYR A 1015 23.06 -8.78 -25.52
CA TYR A 1015 23.89 -8.76 -26.72
C TYR A 1015 23.01 -8.72 -27.98
N LEU A 1016 21.90 -9.45 -27.97
CA LEU A 1016 20.94 -9.38 -29.07
C LEU A 1016 20.29 -8.02 -29.15
N ASN A 1017 20.06 -7.37 -28.01
CA ASN A 1017 19.60 -6.00 -28.01
C ASN A 1017 20.57 -5.12 -28.77
N ILE A 1018 21.86 -5.30 -28.53
CA ILE A 1018 22.86 -4.52 -29.25
C ILE A 1018 22.74 -4.78 -30.75
N VAL A 1019 22.74 -6.05 -31.14
CA VAL A 1019 22.85 -6.35 -32.57
C VAL A 1019 21.57 -5.99 -33.32
N VAL A 1020 20.42 -6.04 -32.68
CA VAL A 1020 19.17 -5.66 -33.34
C VAL A 1020 18.99 -4.15 -33.34
N GLY A 1021 19.26 -3.49 -32.21
CA GLY A 1021 19.10 -2.06 -32.14
C GLY A 1021 20.04 -1.30 -33.04
N ASN A 1022 21.27 -1.77 -33.20
CA ASN A 1022 22.19 -1.09 -34.11
C ASN A 1022 21.66 -1.11 -35.54
N VAL A 1023 21.20 -2.28 -35.98
CA VAL A 1023 20.67 -2.41 -37.34
C VAL A 1023 19.42 -1.54 -37.50
N TYR A 1024 18.51 -1.58 -36.53
CA TYR A 1024 17.28 -0.83 -36.68
C TYR A 1024 17.47 0.67 -36.51
N ASP A 1025 18.51 1.11 -35.83
CA ASP A 1025 18.85 2.53 -35.79
C ASP A 1025 19.51 2.97 -37.09
N THR A 1026 20.31 2.08 -37.68
CA THR A 1026 20.89 2.39 -39.00
C THR A 1026 19.80 2.53 -40.05
N LYS A 1027 18.79 1.67 -40.00
CA LYS A 1027 17.66 1.74 -40.93
C LYS A 1027 16.35 1.95 -40.17
N SER A 1049 9.56 -5.56 -46.11
CA SER A 1049 9.03 -6.12 -44.88
C SER A 1049 10.06 -6.05 -43.76
N LEU A 1050 9.61 -6.32 -42.53
CA LEU A 1050 10.51 -6.29 -41.38
C LEU A 1050 11.62 -7.33 -41.52
N ARG A 1051 11.27 -8.52 -41.99
CA ARG A 1051 12.30 -9.54 -42.24
C ARG A 1051 13.25 -9.10 -43.34
N ARG A 1052 12.73 -8.44 -44.37
CA ARG A 1052 13.55 -8.04 -45.51
C ARG A 1052 14.68 -7.10 -45.10
N MET A 1053 14.50 -6.36 -44.00
CA MET A 1053 15.56 -5.49 -43.51
C MET A 1053 16.83 -6.27 -43.18
N TYR A 1054 16.68 -7.54 -42.81
CA TYR A 1054 17.84 -8.39 -42.54
C TYR A 1054 18.27 -9.22 -43.73
N ASP A 1055 17.62 -9.06 -44.88
CA ASP A 1055 17.98 -9.80 -46.08
C ASP A 1055 19.05 -9.11 -46.91
N PHE A 1056 19.32 -7.84 -46.66
CA PHE A 1056 20.31 -7.08 -47.41
C PHE A 1056 21.23 -6.36 -46.44
N ASN A 1057 22.28 -5.74 -47.00
CA ASN A 1057 23.22 -4.98 -46.20
C ASN A 1057 22.55 -3.72 -45.66
N VAL A 1058 22.85 -3.40 -44.39
CA VAL A 1058 22.34 -2.20 -43.75
C VAL A 1058 23.54 -1.35 -43.35
N GLN A 1059 23.62 -0.15 -43.91
CA GLN A 1059 24.74 0.75 -43.66
C GLN A 1059 24.30 2.18 -43.91
N ARG A 1060 24.69 3.08 -43.01
CA ARG A 1060 24.40 4.50 -43.13
C ARG A 1060 25.66 5.30 -42.87
N GLY A 1061 25.97 6.24 -43.76
CA GLY A 1061 27.17 7.04 -43.60
C GLY A 1061 28.42 6.18 -43.63
N ASP A 1062 29.33 6.45 -42.69
CA ASP A 1062 30.58 5.71 -42.59
C ASP A 1062 30.49 4.52 -41.64
N GLN A 1063 29.32 4.28 -41.05
CA GLN A 1063 29.12 3.18 -40.11
C GLN A 1063 28.35 2.06 -40.79
N THR A 1064 28.91 0.85 -40.75
CA THR A 1064 28.28 -0.33 -41.32
C THR A 1064 27.68 -1.17 -40.22
N ALA A 1065 26.40 -1.50 -40.34
CA ALA A 1065 25.67 -2.24 -39.32
C ALA A 1065 25.55 -3.72 -39.65
N TRP A 1066 24.96 -4.04 -40.81
CA TRP A 1066 24.67 -5.41 -41.19
C TRP A 1066 25.31 -5.72 -42.54
N VAL A 1067 26.06 -6.82 -42.60
CA VAL A 1067 26.72 -7.27 -43.83
C VAL A 1067 26.11 -8.62 -44.18
N ALA A 1068 25.22 -8.64 -45.17
CA ALA A 1068 24.56 -9.88 -45.56
C ALA A 1068 25.50 -10.79 -46.35
N GLU A 1069 26.51 -10.22 -47.00
CA GLU A 1069 27.44 -11.01 -47.81
C GLU A 1069 28.27 -11.92 -46.91
N ASN A 1070 28.22 -13.23 -47.19
CA ASN A 1070 28.96 -14.25 -46.46
C ASN A 1070 28.52 -14.34 -44.99
N ASP A 1071 27.53 -13.54 -44.60
CA ASP A 1071 26.98 -13.54 -43.25
C ASP A 1071 28.07 -13.33 -42.20
N THR A 1072 29.11 -12.59 -42.56
CA THR A 1072 30.31 -12.46 -41.73
C THR A 1072 29.96 -11.99 -40.32
N THR A 1073 29.44 -10.78 -40.21
CA THR A 1073 28.99 -10.28 -38.91
C THR A 1073 27.98 -11.24 -38.31
N LEU A 1074 27.09 -11.79 -39.13
CA LEU A 1074 26.13 -12.77 -38.63
C LEU A 1074 26.84 -13.93 -37.96
N LYS A 1075 27.86 -14.48 -38.61
CA LYS A 1075 28.63 -15.54 -37.99
C LYS A 1075 29.05 -15.13 -36.59
N THR A 1076 29.59 -13.91 -36.47
CA THR A 1076 30.04 -13.42 -35.19
C THR A 1076 28.96 -13.53 -34.14
N VAL A 1077 27.76 -13.02 -34.42
CA VAL A 1077 26.73 -13.00 -33.38
C VAL A 1077 26.40 -14.43 -32.98
N LYS A 1078 26.33 -15.34 -33.96
CA LYS A 1078 26.05 -16.73 -33.61
C LYS A 1078 27.16 -17.30 -32.72
N LYS A 1079 28.41 -17.02 -33.07
CA LYS A 1079 29.52 -17.49 -32.25
C LYS A 1079 29.47 -16.90 -30.85
N THR A 1080 28.83 -15.75 -30.69
CA THR A 1080 28.65 -15.17 -29.37
C THR A 1080 27.36 -15.61 -28.72
N ALA A 1081 26.36 -16.00 -29.53
CA ALA A 1081 25.03 -16.24 -28.98
C ALA A 1081 25.02 -17.40 -27.99
N PHE A 1082 25.74 -18.47 -28.30
CA PHE A 1082 25.70 -19.68 -27.48
C PHE A 1082 26.84 -19.75 -26.47
N LYS A 1083 27.69 -18.73 -26.40
CA LYS A 1083 28.86 -18.79 -25.53
C LYS A 1083 28.45 -18.78 -24.06
N THR A 1084 29.13 -19.59 -23.26
CA THR A 1084 28.87 -19.72 -21.83
C THR A 1084 29.71 -18.77 -21.00
N SER A 1085 30.17 -17.69 -21.60
CA SER A 1085 31.03 -16.69 -20.96
C SER A 1085 30.37 -15.79 -19.91
N PRO A 1086 29.07 -15.47 -20.00
CA PRO A 1086 28.50 -14.47 -19.09
C PRO A 1086 28.75 -14.79 -17.62
N MET A 1087 28.94 -13.72 -16.84
CA MET A 1087 29.15 -13.82 -15.41
C MET A 1087 27.81 -13.69 -14.70
N VAL A 1088 27.55 -14.59 -13.76
CA VAL A 1088 26.34 -14.56 -12.95
C VAL A 1088 26.75 -14.16 -11.54
N THR A 1089 26.32 -12.99 -11.11
CA THR A 1089 26.66 -12.45 -9.81
C THR A 1089 25.37 -12.11 -9.07
N LYS A 1090 25.11 -12.82 -7.98
CA LYS A 1090 23.95 -12.54 -7.15
C LYS A 1090 24.26 -11.40 -6.18
N ARG A 1091 23.25 -10.61 -5.87
CA ARG A 1091 23.42 -9.48 -4.98
C ARG A 1091 23.69 -9.98 -3.56
N THR A 1092 24.83 -9.58 -3.01
CA THR A 1092 25.17 -9.91 -1.63
C THR A 1092 24.53 -8.88 -0.72
N TYR A 1093 23.46 -9.27 -0.04
CA TYR A 1093 22.68 -8.36 0.78
C TYR A 1093 22.53 -8.89 2.19
N GLU A 1094 22.53 -7.98 3.15
CA GLU A 1094 22.09 -8.30 4.49
C GLU A 1094 20.59 -8.49 4.50
N ARG A 1095 20.11 -9.57 5.11
CA ARG A 1095 18.72 -9.98 4.97
C ARG A 1095 17.83 -9.03 5.76
N LYS A 1096 17.55 -7.89 5.15
CA LYS A 1096 16.66 -6.91 5.77
C LYS A 1096 15.23 -7.47 5.80
N GLY A 1097 14.55 -7.22 6.91
CA GLY A 1097 13.20 -7.67 7.08
C GLY A 1097 12.72 -7.52 8.51
N GLY A 1098 11.99 -8.50 9.01
CA GLY A 1098 11.57 -8.48 10.39
C GLY A 1098 12.57 -9.16 11.30
N LEU A 1099 12.49 -8.80 12.59
CA LEU A 1099 13.31 -9.48 13.59
C LEU A 1099 12.88 -10.92 13.76
N ALA A 1100 11.58 -11.13 13.92
CA ALA A 1100 10.99 -12.46 14.05
C ALA A 1100 9.54 -12.35 13.60
N ASP A 1101 8.75 -13.38 13.88
CA ASP A 1101 7.34 -13.33 13.56
C ASP A 1101 6.66 -12.21 14.34
N SER A 1102 5.71 -11.54 13.70
CA SER A 1102 5.03 -10.42 14.35
C SER A 1102 4.02 -10.87 15.39
N VAL A 1103 3.74 -12.17 15.48
CA VAL A 1103 2.74 -12.70 16.39
C VAL A 1103 3.43 -13.67 17.34
N LEU A 1104 3.24 -13.45 18.64
CA LEU A 1104 3.90 -14.28 19.64
C LEU A 1104 3.33 -15.69 19.65
N ILE A 1105 4.21 -16.67 19.82
CA ILE A 1105 3.81 -18.06 19.92
C ILE A 1105 3.59 -18.42 21.39
N ALA A 1106 2.92 -19.54 21.62
CA ALA A 1106 2.51 -19.92 22.97
C ALA A 1106 3.72 -20.28 23.83
N ALA A 1107 3.52 -20.19 25.14
CA ALA A 1107 4.60 -20.47 26.09
C ALA A 1107 4.96 -21.95 26.10
N LYS A 1108 3.96 -22.82 25.98
CA LYS A 1108 4.21 -24.27 25.98
C LYS A 1108 4.95 -24.72 24.72
N LYS A 1109 5.07 -23.87 23.71
CA LYS A 1109 5.81 -24.20 22.50
C LYS A 1109 7.17 -23.51 22.43
N ALA A 1110 7.31 -22.34 23.06
CA ALA A 1110 8.56 -21.59 22.99
C ALA A 1110 9.65 -22.26 23.79
N LYS A 1111 10.88 -22.15 23.30
CA LYS A 1111 12.07 -22.69 23.93
C LYS A 1111 13.14 -21.60 24.03
N PRO A 1112 13.97 -21.64 25.07
CA PRO A 1112 14.96 -20.58 25.26
C PRO A 1112 16.01 -20.56 24.16
N GLY A 1113 16.53 -19.36 23.89
CA GLY A 1113 17.59 -19.19 22.92
C GLY A 1113 17.10 -19.09 21.49
N VAL A 1114 16.40 -20.11 21.01
CA VAL A 1114 15.92 -20.12 19.64
C VAL A 1114 14.88 -19.04 19.42
N HIS A 1115 14.15 -18.65 20.46
CA HIS A 1115 13.03 -17.72 20.34
C HIS A 1115 13.34 -16.41 21.03
N LEU A 1116 13.00 -15.32 20.37
CA LEU A 1116 13.24 -13.98 20.92
C LEU A 1116 12.27 -13.71 22.06
N PRO A 1117 12.75 -13.31 23.24
CA PRO A 1117 11.84 -13.00 24.35
C PRO A 1117 10.92 -11.84 24.01
N VAL A 1118 9.89 -11.68 24.83
CA VAL A 1118 8.92 -10.61 24.61
C VAL A 1118 9.58 -9.25 24.74
N LYS A 1119 10.39 -9.07 25.77
CA LYS A 1119 11.07 -7.79 26.02
C LYS A 1119 12.41 -8.08 26.67
N THR A 1120 13.49 -7.89 25.92
CA THR A 1120 14.83 -8.22 26.42
C THR A 1120 15.50 -7.03 27.10
N SER A 1121 14.76 -6.36 27.98
CA SER A 1121 15.36 -5.34 28.84
C SER A 1121 14.73 -5.34 30.23
N ASP A 1122 13.94 -6.36 30.56
CA ASP A 1122 13.18 -6.37 31.80
C ASP A 1122 13.65 -7.41 32.80
N SER A 1123 14.55 -8.31 32.40
CA SER A 1123 15.03 -9.41 33.22
C SER A 1123 13.92 -10.35 33.66
N ARG A 1124 12.71 -10.19 33.10
CA ARG A 1124 11.57 -11.04 33.38
C ARG A 1124 11.16 -11.84 32.15
N PHE A 1125 10.91 -11.17 31.03
CA PHE A 1125 10.60 -11.87 29.79
C PHE A 1125 11.83 -12.51 29.16
N ALA A 1126 13.03 -12.03 29.50
CA ALA A 1126 14.24 -12.50 28.82
C ALA A 1126 14.60 -13.92 29.25
N ASN A 1127 14.55 -14.20 30.55
CA ASN A 1127 14.95 -15.49 31.08
C ASN A 1127 13.77 -16.44 31.29
N GLN A 1128 12.58 -16.04 30.87
CA GLN A 1128 11.37 -16.82 31.09
C GLN A 1128 10.56 -16.92 29.81
N VAL A 1129 11.23 -17.28 28.71
CA VAL A 1129 10.52 -17.45 27.44
C VAL A 1129 9.55 -18.61 27.51
N SER A 1130 9.86 -19.62 28.31
CA SER A 1130 8.98 -20.78 28.47
C SER A 1130 7.69 -20.45 29.21
N THR A 1131 7.60 -19.28 29.84
CA THR A 1131 6.42 -18.88 30.59
C THR A 1131 5.60 -17.79 29.92
N TYR A 1132 6.25 -16.75 29.38
CA TYR A 1132 5.56 -15.63 28.76
C TYR A 1132 5.60 -15.71 27.24
N GLY A 1133 5.94 -16.86 26.68
CA GLY A 1133 5.98 -16.98 25.24
C GLY A 1133 7.18 -16.25 24.65
N GLY A 1134 7.17 -16.16 23.32
CA GLY A 1134 8.24 -15.49 22.63
C GLY A 1134 7.97 -15.43 21.15
N TYR A 1135 8.86 -14.74 20.45
CA TYR A 1135 8.77 -14.57 19.01
C TYR A 1135 9.52 -15.71 18.32
N ASP A 1136 8.92 -16.28 17.29
CA ASP A 1136 9.49 -17.39 16.56
C ASP A 1136 10.13 -16.91 15.26
N ASN A 1137 10.99 -17.77 14.70
CA ASN A 1137 11.67 -17.51 13.43
C ASN A 1137 12.51 -16.23 13.53
N VAL A 1138 13.46 -16.25 14.45
CA VAL A 1138 14.37 -15.12 14.66
C VAL A 1138 15.38 -15.16 13.51
N LYS A 1139 15.20 -14.28 12.53
CA LYS A 1139 16.04 -14.32 11.34
C LYS A 1139 17.37 -13.62 11.59
N GLY A 1140 18.35 -13.99 10.77
CA GLY A 1140 19.68 -13.42 10.87
C GLY A 1140 20.02 -12.55 9.67
N SER A 1141 20.98 -11.65 9.85
CA SER A 1141 21.33 -10.70 8.79
C SER A 1141 22.49 -11.20 7.93
N HIS A 1142 23.66 -11.42 8.55
CA HIS A 1142 24.84 -11.78 7.79
C HIS A 1142 25.70 -12.72 8.62
N PHE A 1143 26.58 -13.45 7.93
CA PHE A 1143 27.44 -14.44 8.53
C PHE A 1143 28.84 -13.88 8.74
N PHE A 1144 29.53 -14.43 9.73
CA PHE A 1144 30.90 -14.04 10.04
C PHE A 1144 31.72 -15.29 10.33
N LEU A 1145 32.99 -15.23 9.97
CA LEU A 1145 33.92 -16.36 10.14
C LEU A 1145 34.82 -16.07 11.33
N VAL A 1146 34.77 -16.96 12.32
CA VAL A 1146 35.49 -16.78 13.58
C VAL A 1146 36.27 -18.05 13.89
N GLU A 1147 37.52 -17.87 14.33
CA GLU A 1147 38.39 -18.99 14.68
C GLU A 1147 38.38 -19.19 16.18
N HIS A 1148 38.10 -20.41 16.62
CA HIS A 1148 38.04 -20.74 18.04
C HIS A 1148 38.74 -22.08 18.24
N GLN A 1149 38.66 -22.59 19.47
CA GLN A 1149 39.32 -23.84 19.84
C GLN A 1149 38.29 -24.78 20.43
N GLN A 1150 38.21 -25.99 19.87
CA GLN A 1150 37.36 -27.05 20.38
C GLN A 1150 38.20 -28.30 20.57
N LYS A 1151 38.11 -28.90 21.76
CA LYS A 1151 38.90 -30.08 22.11
C LYS A 1151 40.40 -29.82 21.93
N LYS A 1152 40.84 -28.60 22.24
CA LYS A 1152 42.22 -28.15 22.08
C LYS A 1152 42.69 -28.24 20.62
N LYS A 1153 41.75 -28.17 19.68
CA LYS A 1153 42.05 -28.11 18.26
C LYS A 1153 41.50 -26.80 17.70
N THR A 1154 42.32 -26.11 16.91
CA THR A 1154 41.92 -24.84 16.33
C THR A 1154 41.02 -25.09 15.14
N ILE A 1155 39.75 -24.68 15.25
CA ILE A 1155 38.77 -24.85 14.18
C ILE A 1155 38.07 -23.53 13.94
N ARG A 1156 37.57 -23.35 12.72
CA ARG A 1156 36.89 -22.12 12.33
C ARG A 1156 35.42 -22.41 12.09
N SER A 1157 34.59 -21.39 12.28
CA SER A 1157 33.15 -21.54 12.15
C SER A 1157 32.53 -20.30 11.54
N ILE A 1158 31.55 -20.51 10.66
CA ILE A 1158 30.72 -19.45 10.11
C ILE A 1158 29.44 -19.40 10.93
N GLU A 1159 29.13 -18.22 11.48
CA GLU A 1159 27.98 -18.09 12.36
C GLU A 1159 27.21 -16.82 12.05
N ASN A 1160 25.99 -16.75 12.56
CA ASN A 1160 25.03 -15.74 12.16
C ASN A 1160 25.05 -14.53 13.10
N VAL A 1161 24.71 -13.38 12.55
CA VAL A 1161 24.42 -12.18 13.32
C VAL A 1161 22.92 -11.91 13.17
N PRO A 1162 22.13 -12.02 14.23
CA PRO A 1162 20.69 -11.75 14.11
C PRO A 1162 20.43 -10.29 13.77
N ILE A 1163 19.28 -10.05 13.16
CA ILE A 1163 18.94 -8.71 12.69
C ILE A 1163 18.83 -7.75 13.86
N HIS A 1164 18.28 -8.22 14.98
CA HIS A 1164 18.12 -7.35 16.15
C HIS A 1164 19.43 -7.07 16.86
N LEU A 1165 20.55 -7.53 16.32
CA LEU A 1165 21.87 -7.25 16.88
C LEU A 1165 22.83 -6.75 15.82
N LYS A 1166 22.34 -6.41 14.63
CA LYS A 1166 23.22 -6.00 13.54
C LYS A 1166 23.94 -4.69 13.87
N GLU A 1167 23.23 -3.74 14.47
CA GLU A 1167 23.83 -2.43 14.71
C GLU A 1167 24.99 -2.49 15.69
N LYS A 1168 24.86 -3.31 16.74
CA LYS A 1168 25.88 -3.42 17.76
C LYS A 1168 26.94 -4.46 17.44
N LEU A 1169 26.85 -5.12 16.29
CA LEU A 1169 27.80 -6.17 15.89
C LEU A 1169 28.28 -5.89 14.47
N LYS A 1170 29.21 -4.95 14.34
CA LYS A 1170 29.82 -4.71 13.04
C LYS A 1170 31.33 -4.50 13.10
N THR A 1171 31.96 -4.63 14.26
CA THR A 1171 33.40 -4.51 14.41
C THR A 1171 33.97 -5.84 14.90
N LYS A 1172 35.30 -5.95 14.81
CA LYS A 1172 35.96 -7.19 15.22
C LYS A 1172 35.80 -7.42 16.73
N GLU A 1173 36.02 -6.39 17.53
CA GLU A 1173 35.94 -6.56 18.98
C GLU A 1173 34.53 -6.93 19.43
N GLU A 1174 33.51 -6.29 18.87
CA GLU A 1174 32.14 -6.61 19.26
C GLU A 1174 31.78 -8.04 18.88
N LEU A 1175 32.18 -8.48 17.68
CA LEU A 1175 31.91 -9.85 17.28
C LEU A 1175 32.65 -10.85 18.16
N GLU A 1176 33.90 -10.54 18.53
CA GLU A 1176 34.64 -11.40 19.45
C GLU A 1176 33.93 -11.50 20.79
N HIS A 1177 33.44 -10.37 21.31
CA HIS A 1177 32.69 -10.38 22.57
C HIS A 1177 31.42 -11.22 22.44
N TYR A 1178 30.70 -11.06 21.33
CA TYR A 1178 29.48 -11.81 21.10
C TYR A 1178 29.75 -13.31 21.07
N CYS A 1179 30.82 -13.72 20.40
CA CYS A 1179 31.20 -15.13 20.40
C CYS A 1179 31.58 -15.58 21.80
N ALA A 1180 32.27 -14.72 22.56
CA ALA A 1180 32.76 -15.10 23.88
C ALA A 1180 31.60 -15.39 24.83
N GLN A 1181 30.58 -14.54 24.84
CA GLN A 1181 29.50 -14.72 25.80
C GLN A 1181 28.27 -15.41 25.22
N VAL A 1182 27.67 -14.84 24.17
CA VAL A 1182 26.38 -15.32 23.71
C VAL A 1182 26.50 -16.72 23.12
N LEU A 1183 27.53 -16.96 22.31
CA LEU A 1183 27.71 -18.25 21.65
C LEU A 1183 28.57 -19.22 22.46
N GLY A 1184 29.05 -18.82 23.63
CA GLY A 1184 29.76 -19.73 24.51
C GLY A 1184 31.02 -20.33 23.91
N MET A 1185 31.87 -19.50 23.32
CA MET A 1185 33.06 -19.94 22.62
C MET A 1185 34.30 -19.52 23.37
N VAL A 1186 35.28 -20.43 23.45
CA VAL A 1186 36.52 -20.17 24.18
C VAL A 1186 37.56 -19.63 23.22
N GLN A 1187 38.18 -18.50 23.59
CA GLN A 1187 39.20 -17.81 22.83
C GLN A 1187 38.75 -17.55 21.39
N PRO A 1188 37.79 -16.65 21.18
CA PRO A 1188 37.37 -16.34 19.81
C PRO A 1188 38.35 -15.40 19.13
N ASP A 1189 38.46 -15.56 17.81
CA ASP A 1189 39.29 -14.69 16.97
C ASP A 1189 38.54 -14.51 15.65
N VAL A 1190 37.73 -13.45 15.57
CA VAL A 1190 36.92 -13.21 14.39
C VAL A 1190 37.84 -12.83 13.24
N ARG A 1191 37.79 -13.60 12.16
CA ARG A 1191 38.67 -13.38 11.02
C ARG A 1191 37.99 -12.67 9.86
N LEU A 1192 36.68 -12.86 9.69
CA LEU A 1192 35.95 -12.16 8.63
C LEU A 1192 34.64 -11.66 9.21
N THR A 1193 34.43 -10.35 9.14
CA THR A 1193 33.31 -9.72 9.83
C THR A 1193 32.05 -9.58 8.98
N ARG A 1194 32.10 -9.91 7.69
CA ARG A 1194 30.92 -9.76 6.83
C ARG A 1194 30.95 -10.82 5.75
N ILE A 1195 30.06 -11.80 5.86
CA ILE A 1195 29.79 -12.74 4.78
C ILE A 1195 28.31 -12.63 4.45
N PRO A 1196 27.93 -11.82 3.48
CA PRO A 1196 26.50 -11.55 3.25
C PRO A 1196 25.78 -12.77 2.70
N MET A 1197 24.46 -12.71 2.76
CA MET A 1197 23.64 -13.77 2.20
C MET A 1197 23.82 -13.83 0.69
N TYR A 1198 23.68 -15.02 0.11
CA TYR A 1198 23.90 -15.23 -1.34
C TYR A 1198 25.30 -14.84 -1.77
N SER A 1199 26.30 -15.47 -1.17
CA SER A 1199 27.69 -15.17 -1.52
C SER A 1199 28.37 -16.37 -2.16
N LEU A 1200 29.27 -16.11 -3.10
CA LEU A 1200 29.95 -17.20 -3.80
C LEU A 1200 31.01 -17.88 -2.95
N LEU A 1201 30.78 -19.13 -2.56
CA LEU A 1201 31.75 -19.88 -1.79
C LEU A 1201 32.29 -21.01 -2.63
N LEU A 1202 33.62 -21.07 -2.76
CA LEU A 1202 34.29 -22.17 -3.43
C LEU A 1202 34.58 -23.25 -2.37
N ILE A 1203 33.86 -24.35 -2.43
CA ILE A 1203 33.99 -25.43 -1.45
C ILE A 1203 34.28 -26.72 -2.22
N ASP A 1204 35.45 -27.29 -1.95
CA ASP A 1204 35.85 -28.57 -2.55
C ASP A 1204 35.78 -28.53 -4.08
N GLY A 1205 36.03 -27.38 -4.66
CA GLY A 1205 36.03 -27.22 -6.09
C GLY A 1205 34.68 -26.92 -6.71
N TYR A 1206 33.64 -26.75 -5.92
CA TYR A 1206 32.31 -26.46 -6.43
C TYR A 1206 31.82 -25.13 -5.87
N TYR A 1207 31.05 -24.41 -6.69
CA TYR A 1207 30.56 -23.08 -6.33
C TYR A 1207 29.22 -23.20 -5.62
N TYR A 1208 29.08 -22.49 -4.50
CA TYR A 1208 27.88 -22.49 -3.69
C TYR A 1208 27.42 -21.07 -3.42
N TYR A 1209 26.12 -20.91 -3.18
CA TYR A 1209 25.53 -19.64 -2.78
C TYR A 1209 25.00 -19.82 -1.37
N LEU A 1210 25.61 -19.12 -0.42
CA LEU A 1210 25.28 -19.27 0.99
C LEU A 1210 23.95 -18.58 1.26
N THR A 1211 22.87 -19.37 1.39
CA THR A 1211 21.53 -18.82 1.30
C THR A 1211 20.68 -19.06 2.54
N GLY A 1212 21.29 -19.30 3.69
CA GLY A 1212 20.50 -19.44 4.89
C GLY A 1212 21.22 -20.28 5.93
N ARG A 1213 20.43 -20.79 6.88
CA ARG A 1213 20.95 -21.55 8.00
C ARG A 1213 19.84 -22.41 8.58
N THR A 1214 20.14 -23.67 8.86
CA THR A 1214 19.19 -24.61 9.45
C THR A 1214 19.86 -25.22 10.68
N GLY A 1215 19.71 -24.54 11.83
CA GLY A 1215 20.29 -25.02 13.06
C GLY A 1215 21.80 -25.00 13.06
N GLY A 1216 22.42 -26.18 13.20
CA GLY A 1216 23.85 -26.28 13.18
C GLY A 1216 24.49 -26.37 11.82
N ASN A 1217 23.69 -26.52 10.76
CA ASN A 1217 24.17 -26.55 9.40
C ASN A 1217 23.78 -25.28 8.68
N LEU A 1218 24.55 -24.91 7.67
CA LEU A 1218 24.26 -23.77 6.81
C LEU A 1218 23.85 -24.27 5.43
N SER A 1219 22.88 -23.58 4.84
CA SER A 1219 22.21 -24.01 3.62
C SER A 1219 22.82 -23.31 2.40
N LEU A 1220 22.96 -24.06 1.31
CA LEU A 1220 23.65 -23.58 0.13
C LEU A 1220 22.80 -23.93 -1.09
N SER A 1221 22.89 -23.08 -2.10
CA SER A 1221 22.24 -23.31 -3.38
C SER A 1221 23.29 -23.44 -4.47
N ASN A 1222 22.91 -24.09 -5.55
CA ASN A 1222 23.83 -24.35 -6.65
C ASN A 1222 24.24 -23.03 -7.28
N ALA A 1223 25.54 -22.87 -7.56
CA ALA A 1223 26.07 -21.65 -8.12
C ALA A 1223 26.76 -21.88 -9.45
N VAL A 1224 26.60 -23.04 -10.06
CA VAL A 1224 27.25 -23.39 -11.31
C VAL A 1224 26.17 -23.62 -12.35
N GLU A 1225 26.11 -22.73 -13.35
CA GLU A 1225 25.14 -22.87 -14.42
C GLU A 1225 25.50 -24.06 -15.29
N LEU A 1226 24.48 -24.82 -15.68
CA LEU A 1226 24.68 -26.03 -16.47
C LEU A 1226 24.44 -25.72 -17.94
N CYS A 1227 25.40 -26.11 -18.77
CA CYS A 1227 25.39 -25.79 -20.19
C CYS A 1227 25.18 -27.05 -21.01
N LEU A 1228 24.22 -27.01 -21.93
CA LEU A 1228 23.92 -28.11 -22.84
C LEU A 1228 23.78 -27.57 -24.24
N PRO A 1229 23.97 -28.42 -25.27
CA PRO A 1229 23.90 -27.94 -26.66
C PRO A 1229 22.51 -27.46 -27.08
N ALA A 1230 22.39 -27.03 -28.33
CA ALA A 1230 21.17 -26.39 -28.79
C ALA A 1230 20.00 -27.35 -28.86
N LYS A 1231 20.23 -28.58 -29.33
CA LYS A 1231 19.15 -29.54 -29.43
C LYS A 1231 18.58 -29.88 -28.05
N GLU A 1232 19.46 -30.01 -27.06
CA GLU A 1232 18.98 -30.23 -25.69
C GLU A 1232 18.16 -29.05 -25.20
N GLN A 1233 18.57 -27.83 -25.55
CA GLN A 1233 17.80 -26.65 -25.15
C GLN A 1233 16.41 -26.65 -25.79
N ALA A 1234 16.32 -27.02 -27.06
CA ALA A 1234 15.02 -27.11 -27.72
C ALA A 1234 14.14 -28.18 -27.08
N HIS A 1235 14.75 -29.33 -26.76
CA HIS A 1235 14.01 -30.39 -26.08
C HIS A 1235 13.50 -29.90 -24.72
N ILE A 1236 14.33 -29.16 -23.99
CA ILE A 1236 13.92 -28.65 -22.68
C ILE A 1236 12.80 -27.64 -22.82
N ARG A 1237 12.83 -26.84 -23.89
CA ARG A 1237 11.72 -25.92 -24.14
C ARG A 1237 10.43 -26.68 -24.40
N MET A 1238 10.50 -27.73 -25.21
CA MET A 1238 9.31 -28.56 -25.42
C MET A 1238 8.83 -29.18 -24.12
N ILE A 1239 9.78 -29.59 -23.27
CA ILE A 1239 9.44 -30.18 -21.97
C ILE A 1239 8.71 -29.17 -21.10
N SER A 1240 9.21 -27.94 -21.08
CA SER A 1240 8.56 -26.90 -20.29
C SER A 1240 7.16 -26.60 -20.82
N LYS A 1241 7.00 -26.56 -22.14
CA LYS A 1241 5.68 -26.30 -22.70
C LYS A 1241 4.70 -27.42 -22.37
N ILE A 1242 5.13 -28.68 -22.48
CA ILE A 1242 4.21 -29.79 -22.24
C ILE A 1242 3.88 -29.90 -20.76
N ALA A 1243 4.88 -29.68 -19.89
CA ALA A 1243 4.64 -29.75 -18.45
C ALA A 1243 3.80 -28.59 -17.94
N GLY A 1244 3.58 -27.56 -18.75
CA GLY A 1244 2.74 -26.45 -18.35
C GLY A 1244 1.26 -26.65 -18.54
N GLY A 1245 0.86 -27.75 -19.16
CA GLY A 1245 -0.56 -28.02 -19.36
C GLY A 1245 -0.90 -28.59 -20.73
N ARG A 1246 0.11 -28.78 -21.57
CA ARG A 1246 -0.10 -29.34 -22.89
C ARG A 1246 -0.23 -30.86 -22.78
N SER A 1247 -0.64 -31.52 -23.87
CA SER A 1247 -0.88 -32.95 -23.86
C SER A 1247 -0.17 -33.60 -25.04
N THR A 1248 -0.10 -34.93 -24.99
CA THR A 1248 0.50 -35.74 -26.05
C THR A 1248 -0.53 -36.33 -27.00
N ASP A 1249 -1.79 -35.86 -26.93
CA ASP A 1249 -2.84 -36.44 -27.77
C ASP A 1249 -2.56 -36.21 -29.24
N ALA A 1250 -2.09 -35.01 -29.61
CA ALA A 1250 -1.84 -34.70 -31.01
C ALA A 1250 -0.58 -35.38 -31.54
N LEU A 1251 0.30 -35.84 -30.67
CA LEU A 1251 1.55 -36.45 -31.11
C LEU A 1251 1.28 -37.83 -31.71
N SER A 1252 2.07 -38.16 -32.73
CA SER A 1252 1.98 -39.45 -33.39
C SER A 1252 2.73 -40.52 -32.61
N ALA A 1253 2.54 -41.78 -33.00
CA ALA A 1253 3.27 -42.87 -32.37
C ALA A 1253 4.77 -42.74 -32.60
N GLU A 1254 5.17 -42.38 -33.83
CA GLU A 1254 6.56 -42.08 -34.09
C GLU A 1254 7.03 -40.87 -33.28
N ALA A 1255 6.15 -39.88 -33.13
CA ALA A 1255 6.47 -38.73 -32.29
C ALA A 1255 6.67 -39.15 -30.84
N LYS A 1256 5.83 -40.06 -30.34
CA LYS A 1256 6.00 -40.55 -28.98
C LYS A 1256 7.30 -41.32 -28.81
N ASP A 1257 7.65 -42.15 -29.80
CA ASP A 1257 8.91 -42.88 -29.72
C ASP A 1257 10.10 -41.92 -29.74
N ASP A 1258 10.05 -40.91 -30.60
CA ASP A 1258 11.14 -39.93 -30.66
C ASP A 1258 11.25 -39.16 -29.35
N PHE A 1259 10.10 -38.78 -28.78
CA PHE A 1259 10.11 -38.07 -27.50
C PHE A 1259 10.71 -38.94 -26.41
N ARG A 1260 10.34 -40.22 -26.37
CA ARG A 1260 10.88 -41.12 -25.36
C ARG A 1260 12.39 -41.27 -25.51
N LYS A 1261 12.86 -41.47 -26.75
CA LYS A 1261 14.29 -41.68 -26.96
C LYS A 1261 15.09 -40.42 -26.64
N LYS A 1262 14.60 -39.25 -27.04
CA LYS A 1262 15.31 -38.01 -26.75
C LYS A 1262 15.26 -37.68 -25.27
N ASN A 1263 14.16 -38.01 -24.59
CA ASN A 1263 14.11 -37.88 -23.14
C ASN A 1263 15.15 -38.78 -22.49
N LEU A 1264 15.30 -40.01 -22.99
CA LEU A 1264 16.30 -40.91 -22.43
C LEU A 1264 17.70 -40.37 -22.62
N ARG A 1265 18.00 -39.82 -23.81
CA ARG A 1265 19.34 -39.28 -24.05
C ARG A 1265 19.59 -38.01 -23.23
N LEU A 1266 18.56 -37.19 -23.01
CA LEU A 1266 18.72 -36.03 -22.14
C LEU A 1266 18.98 -36.47 -20.70
N TYR A 1267 18.27 -37.50 -20.24
CA TYR A 1267 18.52 -38.01 -18.90
C TYR A 1267 19.94 -38.56 -18.78
N ASP A 1268 20.42 -39.25 -19.82
CA ASP A 1268 21.79 -39.75 -19.79
C ASP A 1268 22.80 -38.61 -19.73
N GLU A 1269 22.56 -37.55 -20.51
CA GLU A 1269 23.45 -36.40 -20.48
C GLU A 1269 23.45 -35.72 -19.12
N LEU A 1270 22.27 -35.57 -18.52
CA LEU A 1270 22.19 -34.98 -17.19
C LEU A 1270 22.90 -35.84 -16.16
N ALA A 1271 22.73 -37.16 -16.25
CA ALA A 1271 23.40 -38.06 -15.30
C ALA A 1271 24.92 -37.97 -15.46
N GLU A 1272 25.40 -37.91 -16.70
CA GLU A 1272 26.84 -37.81 -16.91
C GLU A 1272 27.38 -36.48 -16.43
N LYS A 1273 26.63 -35.40 -16.61
CA LYS A 1273 27.08 -34.09 -16.14
C LYS A 1273 27.23 -34.07 -14.62
N HIS A 1274 26.50 -34.92 -13.92
CA HIS A 1274 26.61 -35.03 -12.47
C HIS A 1274 27.73 -35.97 -12.04
N ARG A 1275 28.42 -36.61 -12.97
CA ARG A 1275 29.42 -37.61 -12.64
C ARG A 1275 30.82 -37.23 -13.11
N SER A 1276 30.98 -36.77 -14.36
CA SER A 1276 32.30 -36.48 -14.90
C SER A 1276 32.65 -35.01 -14.87
N THR A 1277 31.67 -34.11 -14.87
CA THR A 1277 31.93 -32.68 -14.89
C THR A 1277 31.98 -32.12 -13.48
N ILE A 1278 31.92 -30.79 -13.36
CA ILE A 1278 32.11 -30.12 -12.07
C ILE A 1278 31.07 -30.56 -11.05
N PHE A 1279 29.89 -30.96 -11.51
CA PHE A 1279 28.80 -31.26 -10.59
C PHE A 1279 29.10 -32.45 -9.69
N SER A 1280 30.09 -33.27 -10.04
CA SER A 1280 30.47 -34.38 -9.17
C SER A 1280 31.19 -33.90 -7.92
N LYS A 1281 31.71 -32.68 -7.92
CA LYS A 1281 32.43 -32.16 -6.78
C LYS A 1281 31.51 -31.62 -5.70
N ARG A 1282 30.20 -31.58 -5.95
CA ARG A 1282 29.26 -31.06 -4.97
C ARG A 1282 29.17 -32.00 -3.76
N LYS A 1283 28.77 -31.43 -2.63
CA LYS A 1283 28.54 -32.25 -1.44
C LYS A 1283 27.26 -33.04 -1.60
N ASN A 1284 27.34 -34.35 -1.33
CA ASN A 1284 26.23 -35.28 -1.47
C ASN A 1284 25.68 -35.26 -2.89
N PRO A 1285 26.43 -35.76 -3.87
CA PRO A 1285 25.94 -35.72 -5.26
C PRO A 1285 24.75 -36.62 -5.48
N ILE A 1286 23.96 -36.28 -6.50
CA ILE A 1286 22.77 -37.04 -6.85
C ILE A 1286 23.03 -38.02 -7.98
N GLY A 1287 24.26 -38.06 -8.52
CA GLY A 1287 24.61 -38.98 -9.58
C GLY A 1287 24.36 -40.43 -9.24
N PRO A 1288 24.85 -40.89 -8.09
CA PRO A 1288 24.49 -42.25 -7.64
C PRO A 1288 22.99 -42.45 -7.52
N LYS A 1289 22.27 -41.46 -6.99
CA LYS A 1289 20.82 -41.58 -6.89
C LYS A 1289 20.15 -41.46 -8.25
N LEU A 1290 20.76 -40.70 -9.17
CA LEU A 1290 20.24 -40.65 -10.53
C LEU A 1290 20.34 -42.00 -11.21
N LEU A 1291 21.47 -42.69 -11.04
CA LEU A 1291 21.65 -44.00 -11.69
C LEU A 1291 20.80 -45.06 -11.00
N LYS A 1292 20.72 -45.03 -9.66
CA LYS A 1292 19.92 -46.01 -8.95
C LYS A 1292 18.44 -45.90 -9.30
N TYR A 1293 17.94 -44.67 -9.43
CA TYR A 1293 16.53 -44.43 -9.73
C TYR A 1293 16.22 -44.49 -11.22
N ARG A 1294 17.23 -44.70 -12.07
CA ARG A 1294 17.00 -44.67 -13.51
C ARG A 1294 16.14 -45.83 -13.97
N GLU A 1295 16.16 -46.95 -13.25
CA GLU A 1295 15.42 -48.13 -13.70
C GLU A 1295 13.93 -47.86 -13.77
N ALA A 1296 13.37 -47.17 -12.78
CA ALA A 1296 11.95 -46.85 -12.77
C ALA A 1296 11.62 -45.63 -13.60
N PHE A 1297 12.62 -44.94 -14.14
CA PHE A 1297 12.36 -43.71 -14.89
C PHE A 1297 11.72 -44.01 -16.24
N VAL A 1298 12.16 -45.09 -16.90
CA VAL A 1298 11.65 -45.40 -18.23
C VAL A 1298 10.19 -45.82 -18.18
N LYS A 1299 9.80 -46.58 -17.15
CA LYS A 1299 8.43 -47.07 -17.05
C LYS A 1299 7.42 -45.94 -16.85
N GLN A 1300 7.89 -44.75 -16.47
CA GLN A 1300 7.00 -43.62 -16.24
C GLN A 1300 6.41 -43.12 -17.56
N THR A 1301 5.25 -42.49 -17.48
CA THR A 1301 4.59 -41.93 -18.65
C THR A 1301 5.31 -40.65 -19.09
N ILE A 1302 4.81 -40.06 -20.18
CA ILE A 1302 5.48 -38.92 -20.79
C ILE A 1302 5.41 -37.69 -19.90
N GLU A 1303 4.21 -37.36 -19.43
CA GLU A 1303 4.02 -36.11 -18.69
C GLU A 1303 4.79 -36.11 -17.38
N ASN A 1304 4.70 -37.20 -16.61
CA ASN A 1304 5.47 -37.30 -15.39
C ASN A 1304 6.96 -37.31 -15.68
N GLN A 1305 7.36 -37.85 -16.83
CA GLN A 1305 8.77 -37.81 -17.22
C GLN A 1305 9.23 -36.37 -17.46
N CYS A 1306 8.39 -35.56 -18.11
CA CYS A 1306 8.72 -34.14 -18.26
C CYS A 1306 8.84 -33.47 -16.90
N LYS A 1307 7.92 -33.80 -15.98
CA LYS A 1307 7.97 -33.21 -14.65
C LYS A 1307 9.26 -33.56 -13.93
N VAL A 1308 9.68 -34.83 -13.98
CA VAL A 1308 10.90 -35.19 -13.26
C VAL A 1308 12.13 -34.63 -13.96
N ILE A 1309 12.10 -34.48 -15.29
CA ILE A 1309 13.20 -33.82 -15.99
C ILE A 1309 13.35 -32.39 -15.51
N LEU A 1310 12.24 -31.66 -15.42
CA LEU A 1310 12.32 -30.28 -14.96
C LEU A 1310 12.77 -30.20 -13.51
N GLN A 1311 12.31 -31.14 -12.68
CA GLN A 1311 12.76 -31.17 -11.29
C GLN A 1311 14.26 -31.43 -11.20
N ILE A 1312 14.78 -32.31 -12.06
CA ILE A 1312 16.22 -32.56 -12.09
C ILE A 1312 16.97 -31.31 -12.53
N LEU A 1313 16.45 -30.61 -13.54
CA LEU A 1313 17.06 -29.36 -13.98
C LEU A 1313 17.06 -28.33 -12.87
N LYS A 1314 16.08 -28.41 -11.96
CA LYS A 1314 16.04 -27.49 -10.83
C LYS A 1314 17.24 -27.66 -9.89
N LEU A 1315 17.98 -28.75 -9.99
CA LEU A 1315 19.18 -28.92 -9.19
C LEU A 1315 20.36 -28.07 -9.69
N THR A 1316 20.36 -27.71 -10.98
CA THR A 1316 21.48 -27.02 -11.61
C THR A 1316 21.07 -25.61 -12.03
N SER A 1317 20.27 -24.94 -11.23
CA SER A 1317 19.83 -23.59 -11.49
C SER A 1317 20.11 -22.73 -10.28
N THR A 1318 20.50 -21.48 -10.52
CA THR A 1318 20.88 -20.56 -9.46
C THR A 1318 19.72 -19.71 -8.93
N ASN A 1319 18.53 -19.86 -9.50
CA ASN A 1319 17.38 -19.05 -9.11
C ASN A 1319 16.37 -19.80 -8.24
N CYS A 1320 16.74 -20.97 -7.72
CA CYS A 1320 15.84 -21.71 -6.86
C CYS A 1320 16.65 -22.57 -5.90
N LYS A 1321 16.00 -22.96 -4.81
CA LYS A 1321 16.64 -23.85 -3.84
C LYS A 1321 16.89 -25.21 -4.50
N THR A 1322 18.06 -25.78 -4.20
CA THR A 1322 18.47 -27.02 -4.85
C THR A 1322 17.70 -28.19 -4.24
N SER A 1323 16.52 -28.44 -4.79
CA SER A 1323 15.68 -29.54 -4.36
C SER A 1323 14.75 -29.92 -5.50
N ALA A 1324 14.44 -31.21 -5.58
CA ALA A 1324 13.58 -31.73 -6.64
C ALA A 1324 12.49 -32.61 -6.05
N ASP A 1325 11.32 -32.57 -6.68
CA ASP A 1325 10.21 -33.44 -6.32
C ASP A 1325 10.23 -34.64 -7.27
N LEU A 1326 11.12 -35.58 -6.99
CA LEU A 1326 11.25 -36.81 -7.76
C LEU A 1326 10.34 -37.92 -7.24
N LYS A 1327 9.23 -37.57 -6.59
CA LYS A 1327 8.33 -38.58 -6.05
C LYS A 1327 7.75 -39.47 -7.15
N LEU A 1328 7.60 -38.93 -8.36
CA LEU A 1328 7.09 -39.73 -9.46
C LEU A 1328 8.05 -40.84 -9.88
N ILE A 1329 9.30 -40.80 -9.42
CA ILE A 1329 10.28 -41.82 -9.74
C ILE A 1329 10.49 -42.77 -8.57
N GLY A 1330 10.46 -42.26 -7.34
CA GLY A 1330 10.65 -43.10 -6.18
C GLY A 1330 11.39 -42.42 -5.05
N GLY A 1331 11.91 -41.22 -5.31
CA GLY A 1331 12.62 -40.46 -4.30
C GLY A 1331 11.72 -39.47 -3.59
N SER A 1332 12.26 -38.90 -2.52
CA SER A 1332 11.53 -37.92 -1.74
C SER A 1332 11.47 -36.58 -2.47
N GLY A 1333 10.66 -35.68 -1.95
CA GLY A 1333 10.56 -34.34 -2.50
C GLY A 1333 11.68 -33.41 -2.13
N GLN A 1334 12.60 -33.85 -1.28
CA GLN A 1334 13.78 -33.09 -0.89
C GLN A 1334 15.06 -33.74 -1.40
N GLU A 1335 15.01 -34.27 -2.62
CA GLU A 1335 16.18 -34.93 -3.18
C GLU A 1335 17.24 -33.91 -3.58
N GLY A 1336 18.50 -34.26 -3.34
CA GLY A 1336 19.61 -33.42 -3.75
C GLY A 1336 19.71 -32.09 -3.03
N VAL A 1337 19.41 -32.05 -1.74
CA VAL A 1337 19.55 -30.83 -0.97
C VAL A 1337 21.01 -30.63 -0.61
N MET A 1338 21.41 -29.36 -0.49
CA MET A 1338 22.78 -29.01 -0.16
C MET A 1338 22.80 -28.26 1.17
N SER A 1339 23.49 -28.81 2.16
CA SER A 1339 23.66 -28.17 3.44
C SER A 1339 24.90 -28.74 4.09
N ILE A 1340 25.79 -27.87 4.57
CA ILE A 1340 27.06 -28.33 5.13
C ILE A 1340 27.21 -27.78 6.54
N SER A 1341 28.01 -28.49 7.34
CA SER A 1341 28.22 -28.11 8.73
C SER A 1341 28.92 -26.76 8.81
N LYS A 1342 28.56 -25.97 9.82
CA LYS A 1342 29.12 -24.64 9.97
C LYS A 1342 30.55 -24.66 10.48
N LEU A 1343 31.06 -25.81 10.90
CA LEU A 1343 32.43 -25.91 11.40
C LEU A 1343 33.36 -26.25 10.25
N LEU A 1344 34.31 -25.37 9.98
CA LEU A 1344 35.27 -25.55 8.90
C LEU A 1344 36.55 -26.12 9.48
N ARG A 1345 36.81 -27.39 9.22
CA ARG A 1345 38.01 -28.06 9.69
C ARG A 1345 39.06 -28.12 8.58
N ALA A 1346 40.30 -28.37 8.98
CA ALA A 1346 41.40 -28.43 8.02
C ALA A 1346 41.50 -29.77 7.30
N GLU A 1347 40.68 -30.75 7.67
CA GLU A 1347 40.77 -32.09 7.11
C GLU A 1347 39.73 -32.32 6.00
N LYS A 1348 38.46 -32.10 6.29
CA LYS A 1348 37.42 -32.42 5.33
C LYS A 1348 37.44 -31.49 4.12
N TYR A 1349 37.88 -30.26 4.29
CA TYR A 1349 37.81 -29.25 3.25
C TYR A 1349 39.19 -29.00 2.65
N ALA A 1350 39.27 -29.05 1.33
CA ALA A 1350 40.54 -28.80 0.64
C ALA A 1350 40.77 -27.32 0.43
N GLU A 1351 39.79 -26.61 -0.13
CA GLU A 1351 39.89 -25.17 -0.32
C GLU A 1351 38.53 -24.56 -0.03
N PHE A 1352 38.47 -23.73 1.01
CA PHE A 1352 37.25 -23.01 1.39
C PHE A 1352 37.48 -21.54 1.08
N TYR A 1353 37.13 -21.14 -0.13
CA TYR A 1353 37.33 -19.78 -0.62
C TYR A 1353 36.02 -19.01 -0.59
N LEU A 1354 36.12 -17.70 -0.46
CA LEU A 1354 34.99 -16.79 -0.64
C LEU A 1354 35.32 -15.86 -1.79
N ILE A 1355 34.41 -15.77 -2.75
CA ILE A 1355 34.65 -14.99 -3.97
C ILE A 1355 33.81 -13.72 -3.85
N CYS A 1356 34.42 -12.67 -3.31
CA CYS A 1356 33.80 -11.35 -3.30
C CYS A 1356 33.81 -10.81 -4.72
N GLN A 1357 32.63 -10.68 -5.32
CA GLN A 1357 32.48 -10.31 -6.72
C GLN A 1357 31.93 -8.90 -6.83
N SER A 1358 32.59 -8.07 -7.63
CA SER A 1358 32.09 -6.74 -7.90
C SER A 1358 30.76 -6.84 -8.65
N PRO A 1359 29.90 -5.83 -8.53
CA PRO A 1359 28.57 -5.94 -9.16
C PRO A 1359 28.62 -6.24 -10.64
N SER A 1360 29.61 -5.70 -11.35
CA SER A 1360 29.78 -6.04 -12.75
C SER A 1360 30.38 -7.42 -12.94
N GLY A 1361 31.15 -7.90 -11.95
CA GLY A 1361 31.87 -9.15 -12.09
C GLY A 1361 33.28 -9.02 -12.60
N ILE A 1362 33.68 -7.83 -13.07
CA ILE A 1362 35.03 -7.64 -13.57
C ILE A 1362 36.06 -7.81 -12.45
N TYR A 1363 35.78 -7.23 -11.29
CA TYR A 1363 36.70 -7.30 -10.16
C TYR A 1363 36.22 -8.36 -9.17
N GLU A 1364 37.17 -9.13 -8.64
CA GLU A 1364 36.83 -10.15 -7.65
C GLU A 1364 38.05 -10.42 -6.78
N THR A 1365 37.78 -10.70 -5.50
CA THR A 1365 38.81 -11.07 -4.54
C THR A 1365 38.46 -12.42 -3.93
N ARG A 1366 39.45 -13.31 -3.90
CA ARG A 1366 39.27 -14.65 -3.34
C ARG A 1366 39.92 -14.68 -1.97
N LYS A 1367 39.12 -14.83 -0.93
CA LYS A 1367 39.61 -14.86 0.45
C LYS A 1367 39.62 -16.31 0.94
N ASN A 1368 40.77 -16.75 1.43
CA ASN A 1368 40.94 -18.12 1.90
C ASN A 1368 40.47 -18.21 3.34
N LEU A 1369 39.27 -18.76 3.54
CA LEU A 1369 38.72 -18.82 4.89
C LEU A 1369 39.54 -19.71 5.81
N LEU A 1370 40.17 -20.75 5.25
CA LEU A 1370 40.94 -21.67 6.09
C LEU A 1370 42.14 -20.99 6.71
N THR A 1371 42.84 -20.14 5.96
CA THR A 1371 44.13 -19.60 6.38
C THR A 1371 44.20 -18.09 6.20
N ILE A 1372 43.13 -17.38 6.54
CA ILE A 1372 43.16 -15.93 6.51
C ILE A 1372 43.65 -15.40 7.86
#